data_7YAE
#
_entry.id   7YAE
#
_cell.length_a   1.00
_cell.length_b   1.00
_cell.length_c   1.00
_cell.angle_alpha   90.00
_cell.angle_beta   90.00
_cell.angle_gamma   90.00
#
_symmetry.space_group_name_H-M   'P 1'
#
loop_
_entity.id
_entity.type
_entity.pdbx_description
1 polymer 'Guanine nucleotide-binding protein G(i) subunit alpha-1'
2 polymer 'Guanine nucleotide-binding protein G(I)/G(S)/G(T) subunit beta-1'
3 polymer 'Guanine nucleotide-binding protein G(I)/G(S)/G(O) subunit gamma-2'
4 polymer scFv16
5 polymer 'Somatostatin receptor type 2'
6 polymer DPN-CYS-PHE-DTR-LYS-THR-CYS-THO
7 non-polymer CHOLESTEROL
#
loop_
_entity_poly.entity_id
_entity_poly.type
_entity_poly.pdbx_seq_one_letter_code
_entity_poly.pdbx_strand_id
1 'polypeptide(L)'
;MGCTLSAEDKAAVERSKMIDRNLREDGEKAAREVKLLLLGAGESGKSTIVKQMKIIHEAGYSEEECKQYKAVVYSNTIQS
IIAIIRAMGRLKIDFGDSARADDARQLFVLAGAAEEGFMTAELAGVIKRLWKDSGVQACFNRSREYQLNDSAAYYLNDLD
RIAQPNYIPTQQDVLRTRVKTTGIVETHFTFKDLHFKMFDVGGQRSERKKWIHCFEGVTAIIFCVALSDYDLVLAEDEEM
NRMHESMKLFDSICNNKWFTDTSIILFLNKKDLFEEKIKKSPLTICYPEYAGSNTYEEAAAYIQCQFEDLNKRKDTKEIY
THFTCATDTKNVQFVFDAVTDVIIKNNLKDCGLF
;
A
2 'polypeptide(L)'
;MHHHHHHGSSGSELDQLRQEAEQLKNQIRDARKACADATLSQITNNIDPVGRIQMRTRRTLRGHLAKIYAMHWGTDSRLL
VSASQDGKLIIWDSYTTNKVHAIPLRSSWVMTCAYAPSGNYVACGGLDNICSIYNLKTREGNVRVSRELAGHTGYLSCCR
FLDDNQIVTSSGDTTCALWDIETGQQTTTFTGHTGDVMSLSLAPDTRLFVSGACDASAKLWDVREGMCRQTFTGHESDIN
AICFFPNGNAFATGSDDATCRLFDLRADQELMTYSHDNIICGITSVSFSKSGRLLLAGYDDFNCNVWDALKADRAGVLAG
HDNRVSCLGVTDDGMAVATGSWDSFLKIWN
;
B
3 'polypeptide(L)' MASNNTASIAQARKLVEQLKMEANIDRIKVSKAAADLMAYCEAHAKEDPLLTPVPASENPFREKKFFCAIL C
4 'polypeptide(L)'
;DVQLVESGGGLVQPGGSRKLSCSASGFAFSSFGMHWVRQAPEKGLEWVAYISSGSGTIYYADTVKGRFTISRDDPKNTLF
LQMTSLRSEDTAMYYCVRSIYYYGSSPFDFWGQGTTLTVSSGGGGSGGGGSGGGGSDIVMTQATSSVPVTPGESVSISCR
SSKSLLHSNGNTYLYWFLQRPGQSPQLLIYRMSNLASGVPDRFSGSGSGTAFTLTISRLEAEDVGVYYCMQHLEYPLTFG
AGTKLELKAAAHHHHHHHH
;
S
5 'polypeptide(L)'
;DYKDDDDAMDMADEPLNGSHTWLSIPFDLNGSVVSTNTSNQTEPYYDLTSNAVLTFIYFVVCIIGLCGNTLVIYVILRYA
KMKTITNIYILNLAIADELFMLGLPFLAMQVALVHWPFGKAICRVVMTVDGINQFTSIFCLTVMSIDRYLAVVHPIKSAK
WRRPRTAKMITMAVWGVSLLVILPIMIYAGLRSNQWGRSSCTINWPGESGAWYTGFIIYTFILGFLVPLTIICLCYLFII
IKVKSSGIRVGSSKRKKSEKKVTRMVSIVVAVFIFCWLPFYIFNVSSVSMAISPTPALKGMFDFVVVLTYANSCANPILY
AFLSDNFKKSFQNVLCLVKVSGTDDGERSDSKQDKSRLNETTETQRTLLNGDLQTSI
;
E
6 'polypeptide(L)' (DPN)CF(DTR)KTC(THO) D
#
# COMPACT_ATOMS: atom_id res chain seq x y z
N GLY A 2 -12.37 -19.71 14.15
CA GLY A 2 -11.24 -20.27 14.86
C GLY A 2 -10.78 -21.61 14.31
N CYS A 3 -11.36 -22.70 14.83
CA CYS A 3 -11.03 -24.04 14.39
C CYS A 3 -11.89 -24.51 13.22
N THR A 4 -12.84 -23.69 12.76
CA THR A 4 -13.69 -24.07 11.64
C THR A 4 -12.90 -24.25 10.35
N LEU A 5 -11.75 -23.60 10.23
CA LEU A 5 -10.95 -23.69 9.00
C LEU A 5 -10.39 -25.10 8.83
N SER A 6 -10.43 -25.58 7.59
CA SER A 6 -9.90 -26.90 7.26
C SER A 6 -8.41 -26.79 6.95
N ALA A 7 -7.83 -27.85 6.39
CA ALA A 7 -6.42 -27.81 6.02
C ALA A 7 -6.17 -26.94 4.78
N GLU A 8 -7.22 -26.67 4.00
CA GLU A 8 -7.08 -25.76 2.87
C GLU A 8 -6.89 -24.32 3.33
N ASP A 9 -7.73 -23.86 4.25
CA ASP A 9 -7.69 -22.46 4.66
C ASP A 9 -6.44 -22.16 5.49
N LYS A 10 -5.91 -23.14 6.21
CA LYS A 10 -4.66 -22.93 6.94
C LYS A 10 -3.52 -22.63 5.97
N ALA A 11 -3.41 -23.41 4.90
CA ALA A 11 -2.40 -23.14 3.88
C ALA A 11 -2.66 -21.84 3.15
N ALA A 12 -3.93 -21.49 2.93
CA ALA A 12 -4.23 -20.20 2.31
C ALA A 12 -3.76 -19.04 3.20
N VAL A 13 -4.00 -19.14 4.51
CA VAL A 13 -3.56 -18.09 5.43
C VAL A 13 -2.05 -18.03 5.48
N GLU A 14 -1.37 -19.18 5.46
CA GLU A 14 0.09 -19.17 5.42
C GLU A 14 0.61 -18.51 4.15
N ARG A 15 -0.03 -18.79 3.02
CA ARG A 15 0.35 -18.16 1.75
C ARG A 15 0.20 -16.64 1.84
N SER A 16 -0.93 -16.18 2.38
CA SER A 16 -1.14 -14.74 2.52
C SER A 16 -0.12 -14.12 3.46
N LYS A 17 0.22 -14.82 4.55
CA LYS A 17 1.20 -14.29 5.50
C LYS A 17 2.57 -14.15 4.85
N MET A 18 2.98 -15.15 4.06
CA MET A 18 4.28 -15.06 3.40
C MET A 18 4.28 -13.99 2.31
N ILE A 19 3.15 -13.80 1.61
CA ILE A 19 3.07 -12.69 0.66
C ILE A 19 3.23 -11.35 1.38
N ASP A 20 2.59 -11.21 2.54
CA ASP A 20 2.75 -9.99 3.34
C ASP A 20 4.20 -9.81 3.78
N ARG A 21 4.86 -10.88 4.19
CA ARG A 21 6.26 -10.79 4.59
C ARG A 21 7.13 -10.30 3.43
N ASN A 22 6.92 -10.88 2.24
CA ASN A 22 7.71 -10.46 1.08
C ASN A 22 7.45 -9.00 0.73
N LEU A 23 6.18 -8.58 0.75
CA LEU A 23 5.87 -7.19 0.43
C LEU A 23 6.49 -6.23 1.43
N ARG A 24 6.42 -6.55 2.72
CA ARG A 24 7.00 -5.68 3.73
C ARG A 24 8.52 -5.63 3.62
N GLU A 25 9.16 -6.76 3.33
CA GLU A 25 10.60 -6.78 3.17
C GLU A 25 11.03 -5.95 1.96
N ASP A 26 10.32 -6.09 0.83
CA ASP A 26 10.69 -5.34 -0.36
C ASP A 26 10.30 -3.87 -0.27
N GLY A 27 9.39 -3.51 0.64
CA GLY A 27 9.00 -2.11 0.77
C GLY A 27 9.97 -1.27 1.56
N GLU A 28 10.93 -1.89 2.25
CA GLU A 28 11.93 -1.16 3.01
C GLU A 28 13.19 -0.87 2.21
N LYS A 29 13.40 -1.57 1.09
CA LYS A 29 14.59 -1.33 0.26
C LYS A 29 14.45 -0.06 -0.56
N ALA A 30 13.23 0.28 -0.99
CA ALA A 30 13.01 1.48 -1.79
C ALA A 30 12.83 2.73 -0.94
N ALA A 31 12.78 2.60 0.38
CA ALA A 31 12.70 3.78 1.24
C ALA A 31 14.05 4.47 1.38
N ARG A 32 15.14 3.72 1.30
CA ARG A 32 16.49 4.28 1.44
C ARG A 32 17.16 4.56 0.10
N GLU A 33 16.41 4.48 -1.01
CA GLU A 33 16.94 4.81 -2.32
C GLU A 33 16.63 6.26 -2.64
N VAL A 34 17.64 7.01 -3.09
CA VAL A 34 17.49 8.44 -3.34
C VAL A 34 16.79 8.60 -4.69
N LYS A 35 15.68 9.32 -4.70
CA LYS A 35 14.86 9.50 -5.88
C LYS A 35 15.04 10.93 -6.41
N LEU A 36 15.64 11.04 -7.58
CA LEU A 36 15.88 12.33 -8.23
C LEU A 36 15.03 12.45 -9.49
N LEU A 37 14.60 13.67 -9.78
CA LEU A 37 13.85 13.97 -11.00
C LEU A 37 14.69 14.89 -11.86
N LEU A 38 14.94 14.48 -13.11
CA LEU A 38 15.74 15.23 -14.04
C LEU A 38 14.83 15.94 -15.04
N LEU A 39 15.02 17.24 -15.20
CA LEU A 39 14.16 18.03 -16.06
C LEU A 39 15.00 19.11 -16.75
N GLY A 40 14.56 19.50 -17.94
CA GLY A 40 15.25 20.53 -18.69
C GLY A 40 14.52 20.79 -20.00
N ALA A 41 15.07 21.74 -20.75
CA ALA A 41 14.51 22.11 -22.05
C ALA A 41 14.89 21.15 -23.16
N GLY A 42 15.89 20.29 -22.93
CA GLY A 42 16.30 19.31 -23.92
C GLY A 42 17.65 19.63 -24.53
N GLU A 43 17.86 20.89 -24.89
CA GLU A 43 19.17 21.36 -25.31
C GLU A 43 19.85 22.09 -24.15
N SER A 44 20.04 21.35 -23.07
CA SER A 44 20.62 21.92 -21.86
C SER A 44 21.64 20.98 -21.23
N GLY A 45 22.37 20.24 -22.07
CA GLY A 45 23.38 19.33 -21.57
C GLY A 45 22.79 18.06 -20.98
N LYS A 46 21.49 17.85 -21.19
CA LYS A 46 20.84 16.65 -20.67
C LYS A 46 21.35 15.38 -21.33
N SER A 47 21.97 15.48 -22.50
CA SER A 47 22.59 14.33 -23.13
C SER A 47 23.95 14.00 -22.54
N THR A 48 24.52 14.89 -21.73
CA THR A 48 25.83 14.66 -21.12
C THR A 48 25.65 13.92 -19.78
N ILE A 49 25.24 12.66 -19.90
CA ILE A 49 25.08 11.79 -18.74
C ILE A 49 26.01 10.59 -18.90
N VAL A 50 26.49 10.38 -20.13
CA VAL A 50 27.36 9.25 -20.42
C VAL A 50 28.68 9.34 -19.65
N LYS A 51 29.13 10.56 -19.32
CA LYS A 51 30.37 10.75 -18.58
C LYS A 51 30.18 11.52 -17.29
N GLN A 52 29.26 12.49 -17.25
CA GLN A 52 29.05 13.28 -16.05
C GLN A 52 28.54 12.41 -14.91
N MET A 53 27.50 11.61 -15.17
CA MET A 53 26.91 10.76 -14.14
C MET A 53 27.20 9.28 -14.33
N LYS A 54 27.83 8.89 -15.44
CA LYS A 54 28.16 7.51 -15.73
C LYS A 54 29.66 7.36 -15.91
N ILE A 55 30.22 6.28 -15.37
CA ILE A 55 31.64 6.01 -15.48
C ILE A 55 32.01 5.71 -16.94
N GLY A 183 8.75 7.19 -23.50
CA GLY A 183 7.99 7.59 -22.34
C GLY A 183 8.83 8.15 -21.22
N ILE A 184 9.43 7.25 -20.43
CA ILE A 184 10.33 7.63 -19.34
C ILE A 184 11.60 6.82 -19.46
N VAL A 185 12.74 7.49 -19.38
CA VAL A 185 14.06 6.85 -19.42
C VAL A 185 14.65 6.90 -18.02
N GLU A 186 15.13 5.75 -17.55
CA GLU A 186 15.67 5.62 -16.20
C GLU A 186 17.10 5.12 -16.27
N THR A 187 17.97 5.73 -15.46
CA THR A 187 19.36 5.31 -15.32
C THR A 187 19.71 5.20 -13.84
N HIS A 188 20.60 4.26 -13.53
CA HIS A 188 20.99 3.98 -12.15
C HIS A 188 22.51 4.04 -12.03
N PHE A 189 22.97 4.63 -10.92
CA PHE A 189 24.39 4.68 -10.61
C PHE A 189 24.55 4.84 -9.11
N THR A 190 25.71 4.41 -8.61
CA THR A 190 26.01 4.43 -7.19
C THR A 190 27.26 5.25 -6.93
N PHE A 191 27.22 6.04 -5.86
CA PHE A 191 28.36 6.87 -5.48
C PHE A 191 28.42 6.96 -3.96
N LYS A 192 29.48 6.40 -3.37
CA LYS A 192 29.71 6.44 -1.93
C LYS A 192 28.55 5.85 -1.15
N ASP A 193 28.27 4.57 -1.37
CA ASP A 193 27.27 3.83 -0.61
C ASP A 193 25.90 4.50 -0.67
N LEU A 194 25.54 4.95 -1.87
CA LEU A 194 24.24 5.56 -2.08
C LEU A 194 23.69 5.10 -3.41
N HIS A 195 22.37 4.98 -3.50
CA HIS A 195 21.68 4.58 -4.72
C HIS A 195 20.91 5.76 -5.28
N PHE A 196 21.22 6.12 -6.53
CA PHE A 196 20.64 7.29 -7.18
C PHE A 196 19.75 6.84 -8.34
N LYS A 197 18.58 7.46 -8.45
CA LYS A 197 17.63 7.15 -9.51
C LYS A 197 17.09 8.46 -10.07
N MET A 198 17.45 8.78 -11.31
CA MET A 198 16.93 9.95 -12.01
C MET A 198 16.08 9.50 -13.19
N PHE A 199 14.91 10.13 -13.34
CA PHE A 199 13.97 9.79 -14.40
C PHE A 199 13.95 10.94 -15.40
N ASP A 200 14.40 10.67 -16.63
CA ASP A 200 14.35 11.65 -17.71
C ASP A 200 12.98 11.54 -18.37
N VAL A 201 12.17 12.59 -18.24
CA VAL A 201 10.79 12.58 -18.71
C VAL A 201 10.58 13.61 -19.82
N GLY A 202 11.64 13.97 -20.52
CA GLY A 202 11.53 14.97 -21.57
C GLY A 202 10.84 14.47 -22.83
N GLY A 203 10.83 13.17 -23.06
CA GLY A 203 10.24 12.58 -24.24
C GLY A 203 8.83 12.05 -24.09
N GLN A 204 8.14 12.38 -22.99
CA GLN A 204 6.79 11.87 -22.79
C GLN A 204 5.82 12.45 -23.81
N ARG A 205 5.90 13.75 -24.07
CA ARG A 205 5.03 14.44 -25.03
C ARG A 205 3.57 14.24 -24.64
N SER A 206 3.18 14.78 -23.48
CA SER A 206 1.81 14.69 -23.01
C SER A 206 1.52 15.90 -22.12
N GLU A 207 0.25 16.09 -21.80
CA GLU A 207 -0.14 17.18 -20.93
C GLU A 207 0.43 16.95 -19.53
N ARG A 208 1.33 17.82 -19.10
CA ARG A 208 2.05 17.62 -17.84
C ARG A 208 1.11 17.69 -16.64
N LYS A 209 -0.01 18.40 -16.77
CA LYS A 209 -0.93 18.56 -15.63
C LYS A 209 -1.52 17.23 -15.18
N LYS A 210 -1.70 16.29 -16.11
CA LYS A 210 -2.50 15.11 -15.81
C LYS A 210 -1.69 13.98 -15.18
N TRP A 211 -0.35 14.08 -15.18
CA TRP A 211 0.49 13.03 -14.63
C TRP A 211 1.61 13.56 -13.74
N ILE A 212 1.55 14.82 -13.33
CA ILE A 212 2.65 15.39 -12.56
C ILE A 212 2.67 14.91 -11.12
N HIS A 213 1.52 14.49 -10.59
CA HIS A 213 1.43 14.10 -9.18
C HIS A 213 2.11 12.76 -8.89
N CYS A 214 2.51 12.01 -9.91
CA CYS A 214 3.15 10.72 -9.67
C CYS A 214 4.47 10.88 -8.94
N PHE A 215 5.24 11.92 -9.29
CA PHE A 215 6.55 12.17 -8.67
C PHE A 215 6.35 13.08 -7.46
N GLU A 216 6.02 12.47 -6.33
CA GLU A 216 5.78 13.20 -5.10
C GLU A 216 6.80 12.93 -4.00
N GLY A 217 7.27 11.69 -3.87
CA GLY A 217 8.29 11.38 -2.89
C GLY A 217 9.70 11.62 -3.43
N VAL A 218 9.86 12.67 -4.21
CA VAL A 218 11.12 12.98 -4.88
C VAL A 218 11.88 14.01 -4.07
N THR A 219 13.20 13.94 -4.16
CA THR A 219 14.10 14.92 -3.57
C THR A 219 15.08 15.42 -4.62
N ALA A 220 15.45 16.69 -4.51
CA ALA A 220 16.48 17.30 -5.35
C ALA A 220 16.13 17.17 -6.84
N ILE A 221 15.06 17.84 -7.27
CA ILE A 221 14.67 17.81 -8.67
C ILE A 221 15.64 18.65 -9.50
N ILE A 222 16.56 17.97 -10.19
CA ILE A 222 17.59 18.65 -10.97
C ILE A 222 16.93 19.39 -12.13
N PHE A 223 17.42 20.59 -12.42
CA PHE A 223 17.02 21.35 -13.60
C PHE A 223 18.30 21.81 -14.30
N CYS A 224 18.81 20.95 -15.18
CA CYS A 224 19.95 21.33 -16.00
C CYS A 224 19.55 22.40 -16.99
N VAL A 225 20.36 23.45 -17.08
CA VAL A 225 20.08 24.60 -17.95
C VAL A 225 21.33 24.84 -18.79
N ALA A 226 21.19 25.73 -19.78
CA ALA A 226 22.32 26.19 -20.58
C ALA A 226 22.03 27.64 -21.00
N LEU A 227 22.51 28.58 -20.20
CA LEU A 227 22.31 30.00 -20.48
C LEU A 227 23.54 30.65 -21.08
N SER A 228 24.63 29.90 -21.29
CA SER A 228 25.76 30.44 -22.04
C SER A 228 25.41 30.67 -23.51
N ASP A 229 24.32 30.09 -23.99
CA ASP A 229 23.84 30.30 -25.35
C ASP A 229 22.76 31.38 -25.41
N TYR A 230 22.49 32.06 -24.29
CA TYR A 230 21.51 33.15 -24.29
C TYR A 230 22.01 34.37 -25.04
N ASP A 231 23.27 34.77 -24.81
CA ASP A 231 23.80 35.94 -25.50
C ASP A 231 23.81 35.76 -27.01
N LEU A 232 24.02 34.54 -27.49
CA LEU A 232 23.77 34.20 -28.89
C LEU A 232 22.30 33.82 -28.98
N VAL A 233 21.44 34.83 -29.10
CA VAL A 233 20.01 34.67 -28.86
C VAL A 233 19.43 33.73 -29.91
N LEU A 234 19.03 32.54 -29.46
CA LEU A 234 18.31 31.57 -30.29
C LEU A 234 16.94 31.36 -29.67
N ALA A 235 15.89 31.58 -30.46
CA ALA A 235 14.53 31.50 -29.95
C ALA A 235 13.75 30.30 -30.47
N GLU A 236 14.17 29.73 -31.61
CA GLU A 236 13.49 28.60 -32.28
C GLU A 236 12.19 29.08 -32.90
N ASP A 237 11.82 30.34 -32.63
CA ASP A 237 10.64 30.96 -33.22
C ASP A 237 10.90 32.39 -33.68
N GLU A 238 12.03 32.99 -33.32
CA GLU A 238 12.44 34.36 -33.65
C GLU A 238 11.60 35.42 -32.95
N GLU A 239 10.81 35.06 -31.94
CA GLU A 239 10.11 36.04 -31.12
C GLU A 239 10.22 35.76 -29.63
N MET A 240 11.04 34.79 -29.22
CA MET A 240 11.20 34.41 -27.83
C MET A 240 12.67 34.57 -27.43
N ASN A 241 12.98 34.10 -26.21
CA ASN A 241 14.34 34.11 -25.70
C ASN A 241 14.58 32.85 -24.89
N ARG A 242 15.86 32.45 -24.81
CA ARG A 242 16.22 31.31 -23.97
C ARG A 242 15.97 31.60 -22.50
N MET A 243 16.30 32.81 -22.05
CA MET A 243 16.11 33.18 -20.65
C MET A 243 14.63 33.21 -20.28
N HIS A 244 13.78 33.70 -21.18
CA HIS A 244 12.34 33.71 -20.91
C HIS A 244 11.80 32.29 -20.76
N GLU A 245 12.21 31.40 -21.66
CA GLU A 245 11.76 30.01 -21.58
C GLU A 245 12.27 29.34 -20.32
N SER A 246 13.53 29.61 -19.95
CA SER A 246 14.08 29.02 -18.73
C SER A 246 13.32 29.50 -17.50
N MET A 247 13.01 30.80 -17.44
CA MET A 247 12.24 31.30 -16.29
C MET A 247 10.85 30.71 -16.27
N LYS A 248 10.22 30.56 -17.44
CA LYS A 248 8.89 29.96 -17.49
C LYS A 248 8.90 28.53 -16.97
N LEU A 249 9.89 27.74 -17.40
CA LEU A 249 10.00 26.38 -16.90
C LEU A 249 10.28 26.34 -15.41
N PHE A 250 11.15 27.24 -14.93
CA PHE A 250 11.46 27.28 -13.50
C PHE A 250 10.21 27.61 -12.68
N ASP A 251 9.44 28.61 -13.11
CA ASP A 251 8.23 28.96 -12.40
C ASP A 251 7.21 27.83 -12.44
N SER A 252 7.05 27.18 -13.60
CA SER A 252 6.09 26.10 -13.71
C SER A 252 6.46 24.93 -12.80
N ILE A 253 7.75 24.64 -12.67
CA ILE A 253 8.17 23.50 -11.86
C ILE A 253 8.32 23.85 -10.39
N CYS A 254 8.37 25.14 -10.03
CA CYS A 254 8.58 25.54 -8.65
C CYS A 254 7.34 26.17 -8.01
N ASN A 255 6.27 26.38 -8.78
CA ASN A 255 5.07 27.03 -8.28
C ASN A 255 3.83 26.17 -8.49
N ASN A 256 3.91 24.89 -8.13
CA ASN A 256 2.79 23.97 -8.22
C ASN A 256 2.20 23.75 -6.83
N LYS A 257 0.95 23.26 -6.80
CA LYS A 257 0.34 22.91 -5.54
C LYS A 257 1.11 21.79 -4.85
N TRP A 258 1.64 20.86 -5.64
CA TRP A 258 2.47 19.79 -5.11
C TRP A 258 3.90 20.33 -5.02
N PHE A 259 4.87 19.44 -4.81
CA PHE A 259 6.30 19.72 -4.85
C PHE A 259 6.77 20.66 -3.75
N THR A 260 5.90 21.01 -2.81
CA THR A 260 6.34 21.82 -1.69
C THR A 260 7.32 20.98 -0.92
N ASP A 261 8.26 21.63 -0.22
CA ASP A 261 9.25 20.90 0.58
C ASP A 261 10.17 20.04 -0.28
N THR A 262 10.37 20.43 -1.53
CA THR A 262 11.26 19.72 -2.44
C THR A 262 12.39 20.64 -2.87
N SER A 263 13.63 20.21 -2.65
CA SER A 263 14.79 21.02 -2.98
C SER A 263 15.12 20.94 -4.45
N ILE A 264 15.83 21.96 -4.94
CA ILE A 264 16.24 22.05 -6.34
C ILE A 264 17.74 22.31 -6.38
N ILE A 265 18.41 21.72 -7.37
CA ILE A 265 19.82 22.02 -7.64
C ILE A 265 19.93 22.49 -9.08
N LEU A 266 20.99 23.24 -9.37
CA LEU A 266 21.17 23.84 -10.68
C LEU A 266 22.54 23.50 -11.23
N PHE A 267 22.59 23.23 -12.54
CA PHE A 267 23.85 23.09 -13.29
C PHE A 267 23.80 24.12 -14.40
N LEU A 268 24.52 25.24 -14.20
CA LEU A 268 24.37 26.39 -15.10
C LEU A 268 24.82 26.04 -16.52
N ASN A 269 26.12 25.83 -16.72
CA ASN A 269 26.66 25.49 -18.03
C ASN A 269 28.17 25.30 -17.96
N LYS A 270 28.78 24.88 -19.06
CA LYS A 270 30.23 24.92 -19.17
C LYS A 270 30.69 26.36 -19.39
N LYS A 271 31.69 26.78 -18.60
CA LYS A 271 32.09 28.18 -18.57
C LYS A 271 32.90 28.62 -19.78
N ASP A 272 33.33 27.69 -20.62
CA ASP A 272 34.21 28.06 -21.72
C ASP A 272 33.47 28.84 -22.81
N LEU A 273 32.27 28.39 -23.17
CA LEU A 273 31.57 29.00 -24.31
C LEU A 273 31.09 30.41 -23.99
N PHE A 274 30.68 30.66 -22.74
CA PHE A 274 30.19 31.97 -22.37
C PHE A 274 31.27 33.04 -22.51
N GLU A 275 32.50 32.72 -22.10
CA GLU A 275 33.59 33.68 -22.19
C GLU A 275 33.88 34.06 -23.63
N GLU A 276 33.89 33.09 -24.54
CA GLU A 276 34.26 33.35 -25.93
C GLU A 276 33.27 34.32 -26.58
N LYS A 277 32.03 34.32 -26.13
CA LYS A 277 31.00 35.14 -26.75
C LYS A 277 30.76 36.48 -26.06
N ILE A 278 30.95 36.56 -24.73
CA ILE A 278 30.67 37.81 -24.05
C ILE A 278 31.70 38.88 -24.42
N LYS A 279 32.97 38.50 -24.56
CA LYS A 279 34.02 39.50 -24.76
C LYS A 279 34.01 40.05 -26.18
N LYS A 280 33.75 39.21 -27.18
CA LYS A 280 33.85 39.66 -28.57
C LYS A 280 32.75 40.67 -28.90
N SER A 281 31.54 40.48 -28.39
CA SER A 281 30.43 41.36 -28.68
C SER A 281 29.72 41.72 -27.38
N PRO A 282 29.51 43.01 -27.10
CA PRO A 282 28.78 43.43 -25.89
C PRO A 282 27.27 43.29 -26.03
N LEU A 283 26.83 42.08 -26.39
CA LEU A 283 25.41 41.81 -26.56
C LEU A 283 24.70 41.55 -25.23
N THR A 284 25.45 41.47 -24.13
CA THR A 284 24.82 41.30 -22.82
C THR A 284 23.96 42.51 -22.45
N ILE A 285 24.23 43.67 -23.03
CA ILE A 285 23.46 44.86 -22.76
C ILE A 285 22.00 44.70 -23.16
N CYS A 286 21.69 43.74 -24.04
CA CYS A 286 20.31 43.47 -24.40
C CYS A 286 19.51 42.89 -23.24
N TYR A 287 20.19 42.42 -22.19
CA TYR A 287 19.49 41.92 -21.01
C TYR A 287 18.70 43.06 -20.38
N PRO A 288 17.48 42.80 -19.87
CA PRO A 288 16.65 43.88 -19.32
C PRO A 288 17.32 44.53 -18.11
N GLU A 289 17.63 45.83 -18.27
CA GLU A 289 18.16 46.66 -17.17
C GLU A 289 19.42 46.05 -16.56
N TYR A 290 20.47 45.95 -17.37
CA TYR A 290 21.78 45.50 -16.92
C TYR A 290 22.80 46.60 -17.24
N ALA A 291 23.63 46.93 -16.25
CA ALA A 291 24.57 48.04 -16.36
C ALA A 291 25.96 47.60 -16.81
N GLY A 292 26.52 46.58 -16.18
CA GLY A 292 27.87 46.14 -16.49
C GLY A 292 27.99 45.46 -17.83
N SER A 293 29.23 45.17 -18.25
CA SER A 293 29.48 44.49 -19.51
C SER A 293 30.93 44.02 -19.52
N ASN A 294 31.18 43.00 -20.34
CA ASN A 294 32.53 42.46 -20.57
C ASN A 294 33.19 41.97 -19.27
N THR A 295 32.38 41.52 -18.32
CA THR A 295 32.88 40.99 -17.05
C THR A 295 32.39 39.56 -16.90
N TYR A 296 33.33 38.61 -16.80
CA TYR A 296 32.96 37.21 -16.67
C TYR A 296 32.38 36.91 -15.30
N GLU A 297 32.96 37.48 -14.24
CA GLU A 297 32.52 37.16 -12.89
C GLU A 297 31.17 37.79 -12.58
N GLU A 298 30.95 39.02 -13.06
CA GLU A 298 29.72 39.73 -12.71
C GLU A 298 28.49 39.19 -13.45
N ALA A 299 28.64 38.87 -14.73
CA ALA A 299 27.50 38.36 -15.50
C ALA A 299 27.03 37.02 -14.94
N ALA A 300 27.97 36.12 -14.62
CA ALA A 300 27.60 34.84 -14.04
C ALA A 300 26.93 35.00 -12.68
N ALA A 301 27.45 35.91 -11.86
CA ALA A 301 26.82 36.16 -10.56
C ALA A 301 25.41 36.71 -10.72
N TYR A 302 25.21 37.61 -11.68
CA TYR A 302 23.88 38.16 -11.92
C TYR A 302 22.93 37.06 -12.40
N ILE A 303 23.40 36.19 -13.28
CA ILE A 303 22.58 35.07 -13.76
C ILE A 303 22.20 34.17 -12.58
N GLN A 304 23.17 33.84 -11.73
CA GLN A 304 22.90 32.98 -10.58
C GLN A 304 21.89 33.63 -9.63
N CYS A 305 22.03 34.93 -9.37
CA CYS A 305 21.10 35.61 -8.48
C CYS A 305 19.70 35.65 -9.10
N GLN A 306 19.61 35.91 -10.40
CA GLN A 306 18.32 35.94 -11.07
C GLN A 306 17.63 34.58 -11.00
N PHE A 307 18.40 33.51 -11.18
CA PHE A 307 17.80 32.18 -11.09
C PHE A 307 17.39 31.85 -9.66
N GLU A 308 18.22 32.23 -8.67
CA GLU A 308 17.92 31.89 -7.29
C GLU A 308 16.75 32.67 -6.73
N ASP A 309 16.53 33.89 -7.23
CA ASP A 309 15.46 34.76 -6.72
C ASP A 309 14.11 34.44 -7.34
N LEU A 310 13.94 33.25 -7.93
CA LEU A 310 12.69 32.89 -8.56
C LEU A 310 11.74 32.11 -7.63
N ASN A 311 12.19 31.71 -6.45
CA ASN A 311 11.32 30.99 -5.53
C ASN A 311 10.34 31.95 -4.87
N LYS A 312 9.20 31.40 -4.46
CA LYS A 312 8.19 32.16 -3.72
C LYS A 312 8.01 31.64 -2.30
N ARG A 313 8.62 30.52 -1.94
CA ARG A 313 8.49 29.96 -0.61
C ARG A 313 9.46 30.63 0.35
N LYS A 314 10.77 30.48 0.09
CA LYS A 314 11.89 31.11 0.80
C LYS A 314 12.02 30.63 2.24
N ASP A 315 11.16 29.74 2.72
CA ASP A 315 11.22 29.29 4.11
C ASP A 315 11.41 27.79 4.26
N THR A 316 10.98 27.01 3.28
CA THR A 316 11.15 25.54 3.28
C THR A 316 11.89 24.98 2.04
N LYS A 317 12.23 25.84 1.08
CA LYS A 317 12.85 25.40 -0.16
C LYS A 317 14.08 26.25 -0.43
N GLU A 318 15.09 25.64 -1.04
CA GLU A 318 16.34 26.32 -1.35
C GLU A 318 16.87 25.81 -2.68
N ILE A 319 17.87 26.53 -3.21
CA ILE A 319 18.47 26.22 -4.50
C ILE A 319 19.96 26.02 -4.29
N TYR A 320 20.49 24.90 -4.79
CA TYR A 320 21.91 24.63 -4.79
C TYR A 320 22.48 24.91 -6.18
N THR A 321 23.59 25.64 -6.22
CA THR A 321 24.17 26.11 -7.48
C THR A 321 25.57 25.56 -7.66
N HIS A 322 25.88 25.13 -8.87
CA HIS A 322 27.20 24.61 -9.20
C HIS A 322 27.56 25.00 -10.63
N PHE A 323 28.84 25.27 -10.84
CA PHE A 323 29.37 25.56 -12.17
C PHE A 323 30.08 24.31 -12.69
N THR A 324 29.60 23.80 -13.83
CA THR A 324 30.10 22.53 -14.34
C THR A 324 31.51 22.69 -14.91
N CYS A 325 32.25 21.58 -14.91
CA CYS A 325 33.61 21.53 -15.44
C CYS A 325 33.80 20.21 -16.16
N ALA A 326 34.92 20.12 -16.89
CA ALA A 326 35.23 18.89 -17.63
C ALA A 326 35.46 17.70 -16.71
N THR A 327 35.88 17.93 -15.47
CA THR A 327 36.10 16.83 -14.54
C THR A 327 34.77 16.25 -14.08
N ASP A 328 34.66 14.92 -14.11
CA ASP A 328 33.41 14.27 -13.75
C ASP A 328 33.13 14.35 -12.26
N THR A 329 34.17 14.30 -11.44
CA THR A 329 33.97 14.30 -9.99
C THR A 329 33.36 15.60 -9.49
N LYS A 330 33.63 16.72 -10.16
CA LYS A 330 33.11 18.00 -9.71
C LYS A 330 31.60 18.08 -9.89
N ASN A 331 31.03 17.35 -10.84
CA ASN A 331 29.60 17.35 -11.08
C ASN A 331 28.86 16.24 -10.33
N VAL A 332 29.58 15.40 -9.59
CA VAL A 332 28.97 14.34 -8.80
C VAL A 332 29.10 14.61 -7.31
N GLN A 333 30.25 15.14 -6.88
CA GLN A 333 30.42 15.50 -5.48
C GLN A 333 29.42 16.57 -5.06
N PHE A 334 29.12 17.50 -5.96
CA PHE A 334 28.12 18.53 -5.66
C PHE A 334 26.74 17.92 -5.43
N VAL A 335 26.35 16.96 -6.28
CA VAL A 335 25.06 16.29 -6.10
C VAL A 335 25.04 15.52 -4.78
N PHE A 336 26.14 14.84 -4.47
CA PHE A 336 26.21 14.09 -3.22
C PHE A 336 26.06 15.00 -2.02
N ASP A 337 26.76 16.15 -2.04
CA ASP A 337 26.66 17.10 -0.94
C ASP A 337 25.26 17.67 -0.82
N ALA A 338 24.64 18.01 -1.95
CA ALA A 338 23.30 18.58 -1.92
C ALA A 338 22.29 17.59 -1.37
N VAL A 339 22.35 16.33 -1.79
CA VAL A 339 21.39 15.34 -1.31
C VAL A 339 21.63 15.04 0.17
N THR A 340 22.90 15.02 0.59
CA THR A 340 23.19 14.83 2.02
C THR A 340 22.61 15.97 2.84
N ASP A 341 22.76 17.21 2.35
CA ASP A 341 22.18 18.36 3.05
C ASP A 341 20.66 18.27 3.13
N VAL A 342 20.03 17.86 2.03
CA VAL A 342 18.57 17.73 2.02
C VAL A 342 18.12 16.67 3.02
N ILE A 343 18.84 15.55 3.06
CA ILE A 343 18.48 14.47 3.99
C ILE A 343 18.65 14.92 5.43
N ILE A 344 19.74 15.64 5.74
CA ILE A 344 19.94 16.15 7.08
C ILE A 344 18.82 17.11 7.47
N LYS A 345 18.45 18.01 6.57
CA LYS A 345 17.39 18.96 6.87
C LYS A 345 16.06 18.24 7.10
N ASN A 346 15.77 17.23 6.29
CA ASN A 346 14.53 16.46 6.44
C ASN A 346 14.50 15.74 7.78
N ASN A 347 15.62 15.13 8.17
CA ASN A 347 15.68 14.45 9.46
C ASN A 347 15.51 15.44 10.61
N LEU A 348 16.11 16.62 10.50
CA LEU A 348 15.95 17.63 11.55
C LEU A 348 14.49 18.07 11.66
N LYS A 349 13.82 18.25 10.51
CA LYS A 349 12.40 18.60 10.55
C LYS A 349 11.57 17.48 11.15
N ASP A 350 11.93 16.23 10.86
CA ASP A 350 11.19 15.08 11.36
C ASP A 350 11.31 14.97 12.88
N CYS A 351 12.53 15.07 13.39
CA CYS A 351 12.78 14.84 14.81
C CYS A 351 12.29 15.97 15.70
N GLY A 352 11.88 17.10 15.12
CA GLY A 352 11.33 18.20 15.89
C GLY A 352 12.33 19.24 16.36
N LEU A 353 13.62 19.03 16.14
CA LEU A 353 14.62 20.02 16.55
C LEU A 353 14.42 21.33 15.80
N PHE A 354 14.18 21.23 14.50
CA PHE A 354 13.98 22.42 13.69
C PHE A 354 12.63 23.05 13.98
N GLY B 11 -8.27 29.95 -46.70
CA GLY B 11 -8.79 30.59 -47.90
C GLY B 11 -10.29 30.49 -48.03
N SER B 12 -10.79 30.68 -49.26
CA SER B 12 -12.22 30.58 -49.49
C SER B 12 -12.74 29.17 -49.22
N GLU B 13 -11.99 28.16 -49.63
CA GLU B 13 -12.39 26.78 -49.36
C GLU B 13 -12.43 26.50 -47.87
N LEU B 14 -11.42 26.97 -47.13
CA LEU B 14 -11.41 26.78 -45.68
C LEU B 14 -12.59 27.49 -45.04
N ASP B 15 -12.89 28.72 -45.48
CA ASP B 15 -13.99 29.47 -44.91
C ASP B 15 -15.33 28.77 -45.17
N GLN B 16 -15.54 28.30 -46.40
CA GLN B 16 -16.80 27.62 -46.70
C GLN B 16 -16.91 26.28 -45.98
N LEU B 17 -15.79 25.57 -45.80
CA LEU B 17 -15.83 24.33 -45.03
C LEU B 17 -16.14 24.60 -43.57
N ARG B 18 -15.58 25.67 -43.01
CA ARG B 18 -15.91 26.03 -41.63
C ARG B 18 -17.38 26.42 -41.51
N GLN B 19 -17.91 27.15 -42.49
CA GLN B 19 -19.33 27.50 -42.47
C GLN B 19 -20.20 26.26 -42.54
N GLU B 20 -19.83 25.29 -43.39
CA GLU B 20 -20.57 24.04 -43.47
C GLU B 20 -20.51 23.27 -42.16
N ALA B 21 -19.34 23.24 -41.53
CA ALA B 21 -19.22 22.57 -40.24
C ALA B 21 -20.09 23.23 -39.19
N GLU B 22 -20.14 24.57 -39.18
CA GLU B 22 -21.00 25.27 -38.25
C GLU B 22 -22.47 24.97 -38.52
N GLN B 23 -22.85 24.90 -39.81
CA GLN B 23 -24.22 24.57 -40.15
C GLN B 23 -24.60 23.18 -39.67
N LEU B 24 -23.72 22.20 -39.87
CA LEU B 24 -23.98 20.85 -39.37
C LEU B 24 -24.03 20.81 -37.85
N LYS B 25 -23.19 21.59 -37.18
CA LYS B 25 -23.26 21.67 -35.72
C LYS B 25 -24.60 22.22 -35.26
N ASN B 26 -25.09 23.28 -35.92
CA ASN B 26 -26.39 23.83 -35.59
C ASN B 26 -27.51 22.82 -35.87
N GLN B 27 -27.38 22.06 -36.95
CA GLN B 27 -28.36 21.02 -37.25
C GLN B 27 -28.38 19.96 -36.16
N ILE B 28 -27.20 19.53 -35.70
CA ILE B 28 -27.15 18.56 -34.62
C ILE B 28 -27.78 19.13 -33.35
N ARG B 29 -27.46 20.38 -33.04
CA ARG B 29 -27.97 21.00 -31.82
C ARG B 29 -29.50 21.10 -31.85
N ASP B 30 -30.08 21.58 -32.95
CA ASP B 30 -31.52 21.75 -32.98
C ASP B 30 -32.25 20.42 -33.12
N ALA B 31 -31.62 19.43 -33.77
CA ALA B 31 -32.20 18.09 -33.79
C ALA B 31 -32.24 17.49 -32.38
N ARG B 32 -31.18 17.70 -31.61
CA ARG B 32 -31.19 17.23 -30.22
C ARG B 32 -32.23 17.98 -29.40
N LYS B 33 -32.36 19.30 -29.60
CA LYS B 33 -33.31 20.08 -28.83
C LYS B 33 -34.76 19.80 -29.19
N ALA B 34 -35.03 19.37 -30.43
CA ALA B 34 -36.41 19.15 -30.84
C ALA B 34 -37.05 17.97 -30.10
N CYS B 35 -36.28 16.94 -29.79
CA CYS B 35 -36.81 15.74 -29.15
C CYS B 35 -36.79 15.83 -27.63
N ALA B 36 -36.35 16.95 -27.05
CA ALA B 36 -36.36 17.12 -25.61
C ALA B 36 -37.72 17.64 -25.19
N ASP B 37 -38.62 16.72 -24.82
CA ASP B 37 -39.97 17.06 -24.43
C ASP B 37 -40.20 17.02 -22.92
N ALA B 38 -39.35 16.33 -22.18
CA ALA B 38 -39.51 16.21 -20.73
C ALA B 38 -38.16 15.93 -20.11
N THR B 39 -38.15 15.76 -18.79
CA THR B 39 -36.95 15.42 -18.04
C THR B 39 -37.20 14.18 -17.20
N LEU B 40 -36.12 13.48 -16.86
CA LEU B 40 -36.25 12.22 -16.14
C LEU B 40 -36.88 12.42 -14.76
N SER B 41 -36.50 13.50 -14.06
CA SER B 41 -36.94 13.70 -12.68
C SER B 41 -38.46 13.84 -12.59
N GLN B 42 -39.05 14.63 -13.47
CA GLN B 42 -40.49 14.86 -13.42
C GLN B 42 -41.30 13.66 -13.88
N ILE B 43 -40.66 12.64 -14.45
CA ILE B 43 -41.37 11.44 -14.86
C ILE B 43 -41.24 10.37 -13.79
N THR B 44 -40.06 10.29 -13.16
CA THR B 44 -39.82 9.31 -12.11
C THR B 44 -40.18 9.83 -10.73
N ASN B 45 -40.66 11.07 -10.61
CA ASN B 45 -41.09 11.59 -9.31
C ASN B 45 -42.23 10.78 -8.70
N ASN B 46 -42.95 10.02 -9.53
CA ASN B 46 -44.11 9.27 -9.04
C ASN B 46 -43.70 8.22 -8.01
N ILE B 47 -42.60 7.51 -8.26
CA ILE B 47 -42.20 6.43 -7.37
C ILE B 47 -41.67 6.99 -6.06
N ASP B 48 -41.93 6.30 -4.96
CA ASP B 48 -41.54 6.78 -3.65
C ASP B 48 -40.02 6.66 -3.48
N PRO B 49 -39.39 7.60 -2.80
CA PRO B 49 -37.94 7.54 -2.59
C PRO B 49 -37.55 6.36 -1.71
N VAL B 50 -36.34 5.85 -1.97
CA VAL B 50 -35.80 4.77 -1.14
C VAL B 50 -35.42 5.33 0.23
N GLY B 51 -35.39 4.46 1.22
CA GLY B 51 -35.03 4.86 2.56
C GLY B 51 -33.54 5.11 2.72
N ARG B 52 -33.18 5.64 3.88
CA ARG B 52 -31.79 5.96 4.18
C ARG B 52 -30.97 4.66 4.24
N ILE B 53 -30.08 4.50 3.27
CA ILE B 53 -29.21 3.33 3.20
C ILE B 53 -28.01 3.55 4.12
N GLN B 54 -27.59 2.49 4.79
CA GLN B 54 -26.39 2.53 5.63
C GLN B 54 -25.55 1.30 5.34
N MET B 55 -24.28 1.52 5.02
CA MET B 55 -23.33 0.44 4.75
C MET B 55 -22.17 0.55 5.72
N ARG B 56 -21.89 -0.55 6.42
CA ARG B 56 -20.79 -0.60 7.36
C ARG B 56 -19.58 -1.29 6.75
N THR B 57 -18.40 -0.93 7.24
CA THR B 57 -17.16 -1.49 6.73
C THR B 57 -17.08 -2.95 7.17
N ARG B 58 -17.45 -3.86 6.28
CA ARG B 58 -17.38 -5.28 6.60
C ARG B 58 -15.93 -5.75 6.66
N ARG B 59 -15.12 -5.36 5.68
CA ARG B 59 -13.74 -5.82 5.58
C ARG B 59 -12.82 -4.65 5.23
N THR B 60 -11.58 -4.73 5.70
CA THR B 60 -10.54 -3.77 5.38
C THR B 60 -9.30 -4.54 4.91
N LEU B 61 -8.77 -4.13 3.76
CA LEU B 61 -7.68 -4.85 3.11
C LEU B 61 -6.40 -4.02 3.22
N ARG B 62 -5.32 -4.68 3.64
CA ARG B 62 -4.05 -4.01 3.89
C ARG B 62 -2.94 -4.73 3.13
N GLY B 63 -1.86 -4.00 2.84
CA GLY B 63 -0.71 -4.60 2.20
C GLY B 63 0.03 -3.72 1.21
N HIS B 64 -0.63 -2.68 0.72
CA HIS B 64 0.02 -1.75 -0.19
C HIS B 64 0.78 -0.68 0.59
N LEU B 65 1.88 -0.20 0.00
CA LEU B 65 2.77 0.75 0.64
C LEU B 65 2.83 2.08 -0.12
N ALA B 66 1.87 2.31 -1.01
CA ALA B 66 1.85 3.54 -1.80
C ALA B 66 0.43 3.77 -2.29
N LYS B 67 0.25 4.78 -3.13
CA LYS B 67 -1.07 5.14 -3.62
C LYS B 67 -1.66 4.03 -4.48
N ILE B 68 -2.98 3.87 -4.41
CA ILE B 68 -3.72 2.88 -5.19
C ILE B 68 -4.47 3.61 -6.29
N TYR B 69 -4.32 3.15 -7.53
CA TYR B 69 -4.85 3.85 -8.69
C TYR B 69 -6.06 3.17 -9.33
N ALA B 70 -6.15 1.85 -9.32
CA ALA B 70 -7.27 1.19 -9.96
C ALA B 70 -7.45 -0.21 -9.39
N MET B 71 -8.65 -0.74 -9.56
CA MET B 71 -8.97 -2.12 -9.20
C MET B 71 -10.11 -2.59 -10.08
N HIS B 72 -10.28 -3.91 -10.16
CA HIS B 72 -11.31 -4.50 -11.02
C HIS B 72 -11.95 -5.68 -10.31
N TRP B 73 -13.27 -5.61 -10.14
CA TRP B 73 -14.00 -6.72 -9.55
C TRP B 73 -14.02 -7.91 -10.50
N GLY B 74 -13.68 -9.09 -9.98
CA GLY B 74 -13.65 -10.28 -10.79
C GLY B 74 -15.03 -10.75 -11.18
N THR B 75 -15.07 -11.73 -12.09
CA THR B 75 -16.33 -12.28 -12.56
C THR B 75 -16.98 -13.23 -11.56
N ASP B 76 -16.27 -13.63 -10.51
CA ASP B 76 -16.80 -14.52 -9.48
C ASP B 76 -17.44 -13.76 -8.33
N SER B 77 -17.50 -12.43 -8.40
CA SER B 77 -18.06 -11.57 -7.36
C SER B 77 -17.32 -11.71 -6.04
N ARG B 78 -16.16 -12.36 -6.04
CA ARG B 78 -15.40 -12.57 -4.82
C ARG B 78 -13.90 -12.32 -4.96
N LEU B 79 -13.38 -12.08 -6.16
CA LEU B 79 -11.96 -11.82 -6.38
C LEU B 79 -11.77 -10.46 -7.03
N LEU B 80 -10.62 -9.86 -6.78
CA LEU B 80 -10.27 -8.57 -7.39
C LEU B 80 -8.77 -8.38 -7.36
N VAL B 81 -8.30 -7.40 -8.12
CA VAL B 81 -6.88 -7.08 -8.24
C VAL B 81 -6.68 -5.62 -7.85
N SER B 82 -5.42 -5.26 -7.60
CA SER B 82 -5.08 -3.89 -7.26
C SER B 82 -3.73 -3.53 -7.87
N ALA B 83 -3.61 -2.31 -8.37
CA ALA B 83 -2.39 -1.79 -8.95
C ALA B 83 -1.95 -0.54 -8.20
N SER B 84 -0.67 -0.46 -7.86
CA SER B 84 -0.17 0.64 -7.06
C SER B 84 1.23 0.99 -7.50
N GLN B 85 1.70 2.16 -7.06
CA GLN B 85 2.96 2.73 -7.52
C GLN B 85 4.18 2.11 -6.86
N ASP B 86 4.01 1.28 -5.84
CA ASP B 86 5.18 0.64 -5.23
C ASP B 86 5.79 -0.42 -6.12
N GLY B 87 5.14 -0.78 -7.22
CA GLY B 87 5.63 -1.79 -8.12
C GLY B 87 5.08 -3.18 -7.90
N LYS B 88 3.90 -3.31 -7.29
CA LYS B 88 3.32 -4.61 -6.98
C LYS B 88 1.89 -4.67 -7.50
N LEU B 89 1.54 -5.86 -7.98
CA LEU B 89 0.18 -6.12 -8.43
C LEU B 89 -0.24 -7.22 -7.47
N ILE B 90 -1.41 -7.10 -6.86
CA ILE B 90 -1.88 -8.04 -5.85
C ILE B 90 -3.30 -8.48 -6.19
N ILE B 91 -3.54 -9.79 -6.16
CA ILE B 91 -4.87 -10.35 -6.38
C ILE B 91 -5.47 -10.69 -5.03
N TRP B 92 -6.69 -10.20 -4.80
CA TRP B 92 -7.33 -10.30 -3.49
C TRP B 92 -8.44 -11.34 -3.51
N ASP B 93 -8.72 -11.89 -2.33
CA ASP B 93 -9.86 -12.77 -2.10
C ASP B 93 -10.78 -12.07 -1.11
N SER B 94 -11.94 -11.62 -1.58
CA SER B 94 -12.80 -10.78 -0.76
C SER B 94 -13.42 -11.54 0.41
N TYR B 95 -13.37 -12.86 0.41
CA TYR B 95 -14.02 -13.63 1.48
C TYR B 95 -13.15 -13.63 2.74
N THR B 96 -11.93 -14.16 2.65
CA THR B 96 -11.03 -14.27 3.79
C THR B 96 -9.93 -13.21 3.77
N THR B 97 -10.06 -12.19 2.92
CA THR B 97 -9.08 -11.11 2.81
C THR B 97 -7.70 -11.63 2.45
N ASN B 98 -7.63 -12.85 1.93
CA ASN B 98 -6.35 -13.45 1.58
C ASN B 98 -5.79 -12.83 0.30
N LYS B 99 -4.47 -12.93 0.16
CA LYS B 99 -3.77 -12.50 -1.04
C LYS B 99 -3.36 -13.72 -1.84
N VAL B 100 -3.89 -13.82 -3.06
CA VAL B 100 -3.66 -14.98 -3.90
C VAL B 100 -2.33 -14.90 -4.64
N HIS B 101 -2.05 -13.75 -5.26
CA HIS B 101 -0.83 -13.56 -6.03
C HIS B 101 -0.28 -12.16 -5.77
N ALA B 102 1.04 -12.04 -5.88
CA ALA B 102 1.75 -10.76 -5.78
C ALA B 102 2.66 -10.65 -7.00
N ILE B 103 2.25 -9.84 -7.96
CA ILE B 103 2.99 -9.76 -9.21
C ILE B 103 3.85 -8.52 -9.36
N PRO B 104 5.17 -8.72 -9.39
CA PRO B 104 6.08 -7.59 -9.63
C PRO B 104 5.90 -7.03 -11.03
N LEU B 105 6.24 -5.75 -11.17
CA LEU B 105 6.09 -5.03 -12.44
C LEU B 105 7.44 -4.52 -12.92
N ARG B 106 7.62 -4.49 -14.24
CA ARG B 106 8.85 -3.95 -14.80
C ARG B 106 8.90 -2.44 -14.70
N SER B 107 7.76 -1.77 -14.89
CA SER B 107 7.66 -0.32 -14.77
C SER B 107 6.98 0.02 -13.45
N SER B 108 7.65 0.85 -12.64
CA SER B 108 7.12 1.20 -11.34
C SER B 108 5.92 2.13 -11.40
N TRP B 109 5.61 2.70 -12.57
CA TRP B 109 4.49 3.62 -12.73
C TRP B 109 3.36 2.90 -13.47
N VAL B 110 2.20 2.81 -12.82
CA VAL B 110 1.01 2.18 -13.41
C VAL B 110 -0.17 3.09 -13.17
N MET B 111 -1.19 2.97 -14.03
CA MET B 111 -2.35 3.85 -13.98
C MET B 111 -3.69 3.13 -14.11
N THR B 112 -3.72 1.86 -14.50
CA THR B 112 -4.97 1.15 -14.68
C THR B 112 -4.72 -0.34 -14.64
N CYS B 113 -5.80 -1.11 -14.49
CA CYS B 113 -5.74 -2.57 -14.47
C CYS B 113 -7.08 -3.12 -14.90
N ALA B 114 -7.09 -4.41 -15.26
CA ALA B 114 -8.31 -5.05 -15.75
C ALA B 114 -8.27 -6.54 -15.40
N TYR B 115 -9.46 -7.13 -15.37
CA TYR B 115 -9.63 -8.55 -15.06
C TYR B 115 -10.40 -9.22 -16.20
N ALA B 116 -9.89 -10.35 -16.68
CA ALA B 116 -10.52 -11.03 -17.80
C ALA B 116 -11.86 -11.61 -17.40
N PRO B 117 -12.83 -11.64 -18.32
CA PRO B 117 -14.13 -12.26 -18.01
C PRO B 117 -14.02 -13.74 -17.65
N SER B 118 -13.05 -14.45 -18.22
CA SER B 118 -12.85 -15.86 -17.92
C SER B 118 -11.95 -16.07 -16.70
N GLY B 119 -11.37 -15.02 -16.15
CA GLY B 119 -10.54 -15.15 -14.97
C GLY B 119 -9.16 -15.70 -15.21
N ASN B 120 -8.64 -15.61 -16.43
CA ASN B 120 -7.29 -16.09 -16.73
C ASN B 120 -6.29 -14.98 -17.01
N TYR B 121 -6.73 -13.80 -17.42
CA TYR B 121 -5.83 -12.75 -17.88
C TYR B 121 -6.02 -11.47 -17.08
N VAL B 122 -4.91 -10.80 -16.80
CA VAL B 122 -4.88 -9.51 -16.13
C VAL B 122 -3.93 -8.60 -16.89
N ALA B 123 -4.34 -7.36 -17.14
CA ALA B 123 -3.54 -6.41 -17.90
C ALA B 123 -3.41 -5.10 -17.12
N CYS B 124 -2.21 -4.52 -17.14
CA CYS B 124 -1.96 -3.24 -16.50
C CYS B 124 -0.85 -2.52 -17.24
N GLY B 125 -1.01 -1.21 -17.40
CA GLY B 125 0.00 -0.40 -18.05
C GLY B 125 -0.29 1.09 -17.98
N GLY B 126 0.75 1.91 -18.06
CA GLY B 126 0.58 3.34 -18.05
C GLY B 126 1.91 4.04 -17.83
N LEU B 127 2.02 5.23 -18.41
CA LEU B 127 3.21 6.08 -18.31
C LEU B 127 4.48 5.35 -18.74
N ASP B 128 4.33 4.31 -19.56
CA ASP B 128 5.46 3.54 -20.05
C ASP B 128 5.25 3.25 -21.52
N ASN B 129 4.10 3.67 -22.06
CA ASN B 129 3.71 3.50 -23.45
C ASN B 129 3.52 2.05 -23.85
N ILE B 130 3.34 1.15 -22.87
CA ILE B 130 3.29 -0.29 -23.13
C ILE B 130 2.18 -0.91 -22.29
N CYS B 131 1.39 -1.78 -22.90
CA CYS B 131 0.38 -2.58 -22.20
C CYS B 131 0.84 -4.03 -22.16
N SER B 132 0.84 -4.63 -20.98
CA SER B 132 1.25 -6.02 -20.80
C SER B 132 0.04 -6.87 -20.39
N ILE B 133 0.01 -8.10 -20.86
CA ILE B 133 -1.05 -9.06 -20.56
C ILE B 133 -0.44 -10.19 -19.74
N TYR B 134 -1.00 -10.42 -18.55
CA TYR B 134 -0.53 -11.46 -17.66
C TYR B 134 -1.47 -12.65 -17.68
N ASN B 135 -0.92 -13.85 -17.72
CA ASN B 135 -1.68 -15.08 -17.70
C ASN B 135 -1.59 -15.70 -16.32
N LEU B 136 -2.73 -15.89 -15.67
CA LEU B 136 -2.78 -16.39 -14.30
C LEU B 136 -2.65 -17.91 -14.24
N LYS B 137 -3.54 -18.62 -14.91
CA LYS B 137 -3.53 -20.08 -14.90
C LYS B 137 -2.49 -20.56 -15.92
N THR B 138 -1.29 -20.86 -15.43
CA THR B 138 -0.19 -21.29 -16.27
C THR B 138 0.42 -22.57 -15.69
N ARG B 139 1.03 -23.37 -16.58
CA ARG B 139 1.72 -24.58 -16.12
C ARG B 139 2.94 -24.26 -15.28
N GLU B 140 3.46 -23.03 -15.35
CA GLU B 140 4.61 -22.63 -14.57
C GLU B 140 4.25 -22.24 -13.14
N GLY B 141 2.96 -22.12 -12.83
CA GLY B 141 2.53 -21.80 -11.49
C GLY B 141 2.66 -20.35 -11.08
N ASN B 142 3.29 -19.52 -11.91
CA ASN B 142 3.47 -18.10 -11.62
C ASN B 142 2.59 -17.28 -12.55
N VAL B 143 2.70 -15.96 -12.43
CA VAL B 143 2.02 -15.03 -13.30
C VAL B 143 3.08 -14.42 -14.20
N ARG B 144 3.28 -15.01 -15.37
CA ARG B 144 4.23 -14.52 -16.36
C ARG B 144 3.49 -13.84 -17.50
N VAL B 145 4.07 -12.76 -18.01
CA VAL B 145 3.44 -12.00 -19.08
C VAL B 145 3.41 -12.87 -20.35
N SER B 146 2.23 -12.94 -20.97
CA SER B 146 2.08 -13.74 -22.18
C SER B 146 2.80 -13.08 -23.36
N ARG B 147 2.41 -11.86 -23.70
CA ARG B 147 3.10 -11.10 -24.72
C ARG B 147 2.94 -9.61 -24.41
N GLU B 148 3.95 -8.83 -24.80
CA GLU B 148 4.04 -7.43 -24.46
C GLU B 148 3.65 -6.58 -25.66
N LEU B 149 2.65 -5.71 -25.47
CA LEU B 149 2.09 -4.92 -26.56
C LEU B 149 2.70 -3.53 -26.54
N ALA B 150 3.19 -3.09 -27.70
CA ALA B 150 3.80 -1.77 -27.85
C ALA B 150 3.32 -1.13 -29.15
N GLY B 151 3.38 0.20 -29.20
CA GLY B 151 2.92 0.92 -30.36
C GLY B 151 2.27 2.25 -30.07
N HIS B 152 2.05 2.54 -28.79
CA HIS B 152 1.48 3.82 -28.37
C HIS B 152 2.59 4.82 -28.05
N THR B 153 2.25 6.10 -28.17
CA THR B 153 3.18 7.19 -27.89
C THR B 153 2.72 8.06 -26.71
N GLY B 154 1.74 7.59 -25.93
CA GLY B 154 1.27 8.34 -24.78
C GLY B 154 0.94 7.39 -23.64
N TYR B 155 0.82 7.97 -22.44
CA TYR B 155 0.53 7.19 -21.26
C TYR B 155 -0.83 6.53 -21.38
N LEU B 156 -0.90 5.22 -21.11
CA LEU B 156 -2.16 4.52 -21.16
C LEU B 156 -3.00 4.83 -19.92
N SER B 157 -4.28 5.11 -20.15
CA SER B 157 -5.18 5.49 -19.07
C SER B 157 -6.16 4.39 -18.69
N CYS B 158 -6.57 3.55 -19.63
CA CYS B 158 -7.54 2.49 -19.34
C CYS B 158 -7.31 1.32 -20.28
N CYS B 159 -7.75 0.15 -19.85
CA CYS B 159 -7.67 -1.06 -20.67
C CYS B 159 -8.76 -2.01 -20.23
N ARG B 160 -9.47 -2.60 -21.20
CA ARG B 160 -10.59 -3.47 -20.93
C ARG B 160 -10.54 -4.68 -21.85
N PHE B 161 -10.83 -5.86 -21.30
CA PHE B 161 -10.82 -7.10 -22.07
C PHE B 161 -12.17 -7.26 -22.76
N LEU B 162 -12.18 -7.15 -24.08
CA LEU B 162 -13.40 -7.43 -24.83
C LEU B 162 -13.74 -8.91 -24.80
N ASP B 163 -12.74 -9.76 -25.02
CA ASP B 163 -12.93 -11.21 -24.97
C ASP B 163 -11.63 -11.83 -24.44
N ASP B 164 -11.48 -13.14 -24.63
CA ASP B 164 -10.25 -13.82 -24.23
C ASP B 164 -9.08 -13.53 -25.16
N ASN B 165 -9.32 -12.90 -26.31
CA ASN B 165 -8.26 -12.62 -27.28
C ASN B 165 -8.29 -11.21 -27.86
N GLN B 166 -9.29 -10.40 -27.52
CA GLN B 166 -9.40 -9.04 -28.04
C GLN B 166 -9.44 -8.06 -26.88
N ILE B 167 -8.65 -6.99 -26.97
CA ILE B 167 -8.57 -5.98 -25.93
C ILE B 167 -8.59 -4.60 -26.58
N VAL B 168 -9.31 -3.68 -25.96
CA VAL B 168 -9.39 -2.29 -26.42
C VAL B 168 -8.78 -1.40 -25.35
N THR B 169 -7.92 -0.48 -25.76
CA THR B 169 -7.17 0.36 -24.84
C THR B 169 -7.27 1.83 -25.23
N SER B 170 -7.00 2.69 -24.25
CA SER B 170 -6.89 4.13 -24.45
C SER B 170 -5.54 4.58 -23.92
N SER B 171 -4.95 5.57 -24.58
CA SER B 171 -3.59 6.00 -24.25
C SER B 171 -3.53 7.52 -24.22
N GLY B 172 -2.31 8.03 -24.01
CA GLY B 172 -2.06 9.46 -23.91
C GLY B 172 -1.87 10.17 -25.23
N ASP B 173 -1.88 9.43 -26.35
CA ASP B 173 -1.75 10.03 -27.68
C ASP B 173 -3.10 10.30 -28.34
N THR B 174 -4.16 10.46 -27.55
CA THR B 174 -5.50 10.81 -28.02
C THR B 174 -6.05 9.80 -29.02
N THR B 175 -5.55 8.56 -29.00
CA THR B 175 -6.03 7.51 -29.89
C THR B 175 -6.34 6.26 -29.08
N CYS B 176 -7.41 5.56 -29.49
CA CYS B 176 -7.79 4.28 -28.92
C CYS B 176 -7.65 3.21 -29.99
N ALA B 177 -6.96 2.13 -29.66
CA ALA B 177 -6.65 1.08 -30.62
C ALA B 177 -7.13 -0.26 -30.09
N LEU B 178 -7.83 -1.00 -30.96
CA LEU B 178 -8.32 -2.34 -30.63
C LEU B 178 -7.25 -3.35 -31.01
N TRP B 179 -6.60 -3.92 -30.00
CA TRP B 179 -5.48 -4.80 -30.23
C TRP B 179 -5.94 -6.24 -30.46
N ASP B 180 -4.99 -7.09 -30.84
CA ASP B 180 -5.20 -8.51 -31.04
C ASP B 180 -4.09 -9.26 -30.33
N ILE B 181 -4.45 -10.00 -29.28
CA ILE B 181 -3.44 -10.66 -28.45
C ILE B 181 -2.69 -11.72 -29.26
N GLU B 182 -3.39 -12.41 -30.15
CA GLU B 182 -2.77 -13.50 -30.90
C GLU B 182 -1.67 -12.98 -31.81
N THR B 183 -1.96 -11.97 -32.62
CA THR B 183 -0.99 -11.43 -33.56
C THR B 183 -0.06 -10.40 -32.94
N GLY B 184 -0.49 -9.71 -31.89
CA GLY B 184 0.35 -8.72 -31.26
C GLY B 184 0.36 -7.36 -31.92
N GLN B 185 -0.49 -7.14 -32.93
CA GLN B 185 -0.54 -5.89 -33.64
C GLN B 185 -1.96 -5.35 -33.64
N GLN B 186 -2.07 -4.04 -33.80
CA GLN B 186 -3.38 -3.40 -33.85
C GLN B 186 -4.16 -3.87 -35.06
N THR B 187 -5.47 -4.09 -34.88
CA THR B 187 -6.36 -4.40 -35.99
C THR B 187 -7.32 -3.26 -36.31
N THR B 188 -7.53 -2.33 -35.39
CA THR B 188 -8.39 -1.17 -35.63
C THR B 188 -7.89 -0.03 -34.76
N THR B 189 -7.89 1.18 -35.31
CA THR B 189 -7.47 2.37 -34.59
C THR B 189 -8.58 3.41 -34.66
N PHE B 190 -8.93 3.99 -33.51
CA PHE B 190 -9.95 5.02 -33.42
C PHE B 190 -9.28 6.37 -33.25
N THR B 191 -9.60 7.30 -34.15
CA THR B 191 -9.03 8.63 -34.14
C THR B 191 -10.14 9.66 -34.14
N GLY B 192 -9.79 10.89 -33.83
CA GLY B 192 -10.76 11.98 -33.83
C GLY B 192 -10.75 12.81 -32.58
N HIS B 193 -10.14 12.30 -31.51
CA HIS B 193 -10.11 13.03 -30.25
C HIS B 193 -9.09 14.15 -30.31
N THR B 194 -9.54 15.38 -30.04
CA THR B 194 -8.64 16.52 -29.93
C THR B 194 -7.89 16.53 -28.61
N GLY B 195 -8.58 16.17 -27.51
CA GLY B 195 -7.95 16.06 -26.22
C GLY B 195 -7.52 14.63 -25.91
N ASP B 196 -6.89 14.47 -24.76
CA ASP B 196 -6.38 13.16 -24.35
C ASP B 196 -7.50 12.30 -23.79
N VAL B 197 -7.54 11.04 -24.20
CA VAL B 197 -8.55 10.09 -23.77
C VAL B 197 -8.13 9.50 -22.44
N MET B 198 -9.07 9.42 -21.50
CA MET B 198 -8.75 8.99 -20.14
C MET B 198 -9.52 7.76 -19.67
N SER B 199 -10.69 7.45 -20.25
CA SER B 199 -11.48 6.34 -19.75
C SER B 199 -12.38 5.80 -20.85
N LEU B 200 -12.82 4.56 -20.66
CA LEU B 200 -13.75 3.90 -21.56
C LEU B 200 -14.49 2.80 -20.81
N SER B 201 -15.61 2.36 -21.39
CA SER B 201 -16.44 1.31 -20.80
C SER B 201 -16.95 0.40 -21.92
N LEU B 202 -17.25 -0.84 -21.55
CA LEU B 202 -17.67 -1.86 -22.50
C LEU B 202 -19.13 -2.24 -22.26
N ALA B 203 -19.83 -2.58 -23.34
CA ALA B 203 -21.22 -2.98 -23.28
C ALA B 203 -21.35 -4.46 -22.91
N PRO B 204 -22.49 -4.86 -22.36
CA PRO B 204 -22.68 -6.29 -22.04
C PRO B 204 -22.59 -7.20 -23.24
N ASP B 205 -23.03 -6.75 -24.43
CA ASP B 205 -22.95 -7.56 -25.63
C ASP B 205 -21.60 -7.44 -26.34
N THR B 206 -20.70 -6.59 -25.85
CA THR B 206 -19.37 -6.40 -26.42
C THR B 206 -19.43 -6.03 -27.90
N ARG B 207 -20.29 -5.05 -28.20
CA ARG B 207 -20.44 -4.55 -29.57
C ARG B 207 -20.31 -3.04 -29.70
N LEU B 208 -20.62 -2.27 -28.67
CA LEU B 208 -20.47 -0.81 -28.70
C LEU B 208 -19.78 -0.37 -27.43
N PHE B 209 -18.96 0.67 -27.52
CA PHE B 209 -18.25 1.19 -26.36
C PHE B 209 -18.01 2.68 -26.54
N VAL B 210 -18.07 3.41 -25.42
CA VAL B 210 -17.89 4.85 -25.42
C VAL B 210 -16.58 5.18 -24.72
N SER B 211 -16.20 6.45 -24.76
CA SER B 211 -14.98 6.91 -24.12
C SER B 211 -15.13 8.38 -23.75
N GLY B 212 -14.29 8.83 -22.83
CA GLY B 212 -14.26 10.22 -22.41
C GLY B 212 -12.85 10.76 -22.49
N ALA B 213 -12.73 12.04 -22.83
CA ALA B 213 -11.44 12.66 -23.04
C ALA B 213 -11.39 14.00 -22.34
N CYS B 214 -10.20 14.61 -22.34
CA CYS B 214 -9.97 15.89 -21.67
C CYS B 214 -10.60 17.06 -22.38
N ASP B 215 -11.08 16.89 -23.62
CA ASP B 215 -11.71 17.96 -24.36
C ASP B 215 -13.22 18.05 -24.12
N ALA B 216 -13.70 17.47 -23.02
CA ALA B 216 -15.12 17.49 -22.65
C ALA B 216 -16.00 16.94 -23.78
N SER B 217 -15.60 15.79 -24.32
CA SER B 217 -16.33 15.14 -25.39
C SER B 217 -16.37 13.64 -25.14
N ALA B 218 -17.47 13.01 -25.54
CA ALA B 218 -17.66 11.58 -25.42
C ALA B 218 -18.05 11.01 -26.77
N LYS B 219 -17.32 9.98 -27.21
CA LYS B 219 -17.50 9.39 -28.53
C LYS B 219 -18.08 7.98 -28.40
N LEU B 220 -19.06 7.67 -29.25
CA LEU B 220 -19.65 6.33 -29.31
C LEU B 220 -19.00 5.58 -30.46
N TRP B 221 -18.11 4.64 -30.13
CA TRP B 221 -17.39 3.88 -31.14
C TRP B 221 -18.05 2.53 -31.39
N ASP B 222 -17.60 1.85 -32.44
CA ASP B 222 -18.09 0.53 -32.80
C ASP B 222 -16.91 -0.43 -32.89
N VAL B 223 -17.08 -1.62 -32.32
CA VAL B 223 -15.97 -2.58 -32.24
C VAL B 223 -15.65 -3.15 -33.61
N ARG B 224 -16.67 -3.54 -34.38
CA ARG B 224 -16.43 -4.34 -35.58
C ARG B 224 -15.83 -3.51 -36.70
N GLU B 225 -16.57 -2.53 -37.20
CA GLU B 225 -16.11 -1.74 -38.35
C GLU B 225 -15.26 -0.55 -37.94
N GLY B 226 -15.11 -0.29 -36.65
CA GLY B 226 -14.12 0.69 -36.18
C GLY B 226 -14.37 2.12 -36.60
N MET B 227 -15.59 2.60 -36.46
CA MET B 227 -15.94 3.97 -36.82
C MET B 227 -16.90 4.55 -35.79
N CYS B 228 -16.76 5.86 -35.56
CA CYS B 228 -17.60 6.55 -34.60
C CYS B 228 -18.92 6.96 -35.21
N ARG B 229 -19.98 6.89 -34.40
CA ARG B 229 -21.31 7.31 -34.81
C ARG B 229 -21.82 8.53 -34.08
N GLN B 230 -21.59 8.64 -32.78
CA GLN B 230 -22.20 9.68 -31.98
C GLN B 230 -21.17 10.34 -31.07
N THR B 231 -21.34 11.65 -30.86
CA THR B 231 -20.48 12.42 -29.98
C THR B 231 -21.35 13.09 -28.93
N PHE B 232 -20.97 12.95 -27.66
CA PHE B 232 -21.71 13.51 -26.54
C PHE B 232 -20.90 14.64 -25.91
N THR B 233 -21.60 15.70 -25.51
CA THR B 233 -20.96 16.86 -24.92
C THR B 233 -21.73 17.33 -23.68
N GLY B 234 -21.39 18.50 -23.16
CA GLY B 234 -22.05 19.07 -22.00
C GLY B 234 -21.12 19.31 -20.83
N HIS B 235 -19.99 18.62 -20.77
CA HIS B 235 -19.03 18.83 -19.70
C HIS B 235 -18.21 20.10 -19.95
N GLU B 236 -17.58 20.59 -18.88
CA GLU B 236 -16.71 21.76 -18.98
C GLU B 236 -15.36 21.52 -18.30
N SER B 237 -14.98 20.26 -18.11
CA SER B 237 -13.71 19.92 -17.49
C SER B 237 -13.30 18.54 -17.97
N ASP B 238 -12.14 18.09 -17.50
CA ASP B 238 -11.61 16.79 -17.90
C ASP B 238 -12.46 15.66 -17.34
N ILE B 239 -12.50 14.54 -18.05
CA ILE B 239 -13.25 13.36 -17.67
C ILE B 239 -12.27 12.28 -17.22
N ASN B 240 -12.56 11.67 -16.07
CA ASN B 240 -11.69 10.65 -15.49
C ASN B 240 -12.30 9.26 -15.47
N ALA B 241 -13.61 9.13 -15.23
CA ALA B 241 -14.24 7.82 -15.11
C ALA B 241 -15.58 7.80 -15.82
N ILE B 242 -15.94 6.63 -16.34
CA ILE B 242 -17.18 6.44 -17.09
C ILE B 242 -17.58 4.97 -16.99
N CYS B 243 -18.88 4.71 -17.09
CA CYS B 243 -19.40 3.36 -17.04
C CYS B 243 -20.81 3.32 -17.63
N PHE B 244 -21.13 2.18 -18.27
CA PHE B 244 -22.46 1.95 -18.83
C PHE B 244 -23.48 1.66 -17.73
N PHE B 245 -24.72 1.44 -18.14
CA PHE B 245 -25.87 0.98 -17.38
C PHE B 245 -26.06 -0.52 -17.58
N PRO B 246 -26.54 -1.25 -16.57
CA PRO B 246 -26.77 -2.68 -16.76
C PRO B 246 -27.76 -2.99 -17.87
N ASN B 247 -28.72 -2.10 -18.13
CA ASN B 247 -29.64 -2.30 -19.25
C ASN B 247 -28.90 -2.28 -20.57
N GLY B 248 -27.94 -1.37 -20.73
CA GLY B 248 -27.19 -1.23 -21.95
C GLY B 248 -27.62 -0.09 -22.85
N ASN B 249 -28.54 0.77 -22.39
CA ASN B 249 -29.01 1.89 -23.19
C ASN B 249 -28.63 3.25 -22.57
N ALA B 250 -27.74 3.27 -21.60
CA ALA B 250 -27.39 4.52 -20.94
C ALA B 250 -26.01 4.39 -20.30
N PHE B 251 -25.43 5.52 -19.95
CA PHE B 251 -24.16 5.54 -19.22
C PHE B 251 -24.03 6.86 -18.47
N ALA B 252 -23.18 6.85 -17.44
CA ALA B 252 -22.96 8.00 -16.59
C ALA B 252 -21.50 8.42 -16.66
N THR B 253 -21.26 9.72 -16.53
CA THR B 253 -19.94 10.29 -16.69
C THR B 253 -19.53 11.06 -15.43
N GLY B 254 -18.22 11.18 -15.24
CA GLY B 254 -17.69 11.93 -14.10
C GLY B 254 -16.57 12.86 -14.48
N SER B 255 -16.73 14.15 -14.16
CA SER B 255 -15.77 15.18 -14.51
C SER B 255 -15.13 15.75 -13.24
N ASP B 256 -14.31 16.78 -13.43
CA ASP B 256 -13.60 17.42 -12.32
C ASP B 256 -14.32 18.65 -11.79
N ASP B 257 -15.48 19.02 -12.35
CA ASP B 257 -16.22 20.19 -11.90
C ASP B 257 -17.39 19.83 -10.98
N ALA B 258 -17.24 18.76 -10.18
CA ALA B 258 -18.25 18.38 -9.18
C ALA B 258 -19.61 18.13 -9.81
N THR B 259 -19.62 17.53 -11.01
CA THR B 259 -20.85 17.18 -11.69
C THR B 259 -20.75 15.77 -12.26
N CYS B 260 -21.82 14.99 -12.08
CA CYS B 260 -21.96 13.68 -12.71
C CYS B 260 -23.24 13.71 -13.55
N ARG B 261 -23.12 13.30 -14.81
CA ARG B 261 -24.22 13.39 -15.76
C ARG B 261 -24.51 12.02 -16.36
N LEU B 262 -25.79 11.77 -16.63
CA LEU B 262 -26.25 10.51 -17.20
C LEU B 262 -26.63 10.72 -18.65
N PHE B 263 -26.02 9.96 -19.55
CA PHE B 263 -26.33 9.98 -20.97
C PHE B 263 -27.02 8.68 -21.37
N ASP B 264 -27.57 8.68 -22.58
CA ASP B 264 -28.21 7.49 -23.13
C ASP B 264 -27.80 7.32 -24.59
N LEU B 265 -27.79 6.07 -25.04
CA LEU B 265 -27.30 5.73 -26.37
C LEU B 265 -28.35 5.91 -27.46
N ARG B 266 -29.61 5.56 -27.16
CA ARG B 266 -30.63 5.55 -28.21
C ARG B 266 -31.08 6.96 -28.57
N ALA B 267 -31.01 7.90 -27.63
CA ALA B 267 -31.47 9.26 -27.85
C ALA B 267 -30.32 10.23 -27.63
N ASP B 268 -30.36 11.35 -28.35
CA ASP B 268 -29.31 12.38 -28.27
C ASP B 268 -29.81 13.55 -27.43
N GLN B 269 -30.01 13.30 -26.14
CA GLN B 269 -30.37 14.37 -25.21
C GLN B 269 -29.68 14.10 -23.88
N GLU B 270 -29.85 15.07 -22.96
CA GLU B 270 -29.36 14.95 -21.60
C GLU B 270 -30.54 14.67 -20.68
N LEU B 271 -30.41 13.62 -19.87
CA LEU B 271 -31.51 13.15 -19.04
C LEU B 271 -31.34 13.51 -17.57
N MET B 272 -30.13 13.40 -17.02
CA MET B 272 -29.99 13.35 -15.57
C MET B 272 -28.59 13.78 -15.19
N THR B 273 -28.52 14.81 -14.34
CA THR B 273 -27.27 15.44 -13.95
C THR B 273 -27.25 15.64 -12.44
N TYR B 274 -26.04 15.80 -11.90
CA TYR B 274 -25.86 15.99 -10.47
C TYR B 274 -25.03 17.24 -10.21
N SER B 275 -25.48 18.07 -9.26
CA SER B 275 -24.74 19.24 -8.81
C SER B 275 -25.15 19.55 -7.38
N HIS B 276 -24.15 19.71 -6.50
CA HIS B 276 -24.39 20.09 -5.11
C HIS B 276 -23.43 21.20 -4.73
N ASP B 277 -23.95 22.20 -4.02
CA ASP B 277 -23.17 23.37 -3.64
C ASP B 277 -22.28 23.14 -2.43
N ASN B 278 -22.51 22.08 -1.67
CA ASN B 278 -21.70 21.81 -0.47
C ASN B 278 -20.38 21.14 -0.78
N ILE B 279 -20.17 20.70 -2.02
CA ILE B 279 -18.94 20.02 -2.43
C ILE B 279 -18.42 20.68 -3.70
N ILE B 280 -17.12 20.99 -3.71
CA ILE B 280 -16.48 21.67 -4.83
C ILE B 280 -15.34 20.82 -5.40
N CYS B 281 -15.34 19.54 -5.13
CA CYS B 281 -14.29 18.63 -5.60
C CYS B 281 -14.82 17.78 -6.75
N GLY B 282 -13.90 17.31 -7.59
CA GLY B 282 -14.27 16.54 -8.76
C GLY B 282 -14.69 15.12 -8.45
N ILE B 283 -14.96 14.34 -9.49
CA ILE B 283 -15.37 12.95 -9.36
C ILE B 283 -14.29 12.08 -9.98
N THR B 284 -13.88 11.05 -9.25
CA THR B 284 -12.81 10.17 -9.71
C THR B 284 -13.29 8.81 -10.18
N SER B 285 -14.43 8.33 -9.67
CA SER B 285 -14.94 7.03 -10.06
C SER B 285 -16.46 7.03 -9.97
N VAL B 286 -17.10 6.28 -10.88
CA VAL B 286 -18.55 6.16 -10.94
C VAL B 286 -18.89 4.69 -11.24
N SER B 287 -19.92 4.19 -10.57
CA SER B 287 -20.33 2.79 -10.76
C SER B 287 -21.82 2.65 -10.52
N PHE B 288 -22.38 1.56 -11.04
CA PHE B 288 -23.79 1.22 -10.91
C PHE B 288 -23.95 -0.10 -10.15
N SER B 289 -25.15 -0.29 -9.60
CA SER B 289 -25.54 -1.51 -8.92
C SER B 289 -26.31 -2.41 -9.88
N LYS B 290 -26.93 -3.47 -9.35
CA LYS B 290 -27.66 -4.41 -10.19
C LYS B 290 -28.81 -3.73 -10.91
N SER B 291 -29.79 -3.21 -10.15
CA SER B 291 -30.97 -2.60 -10.74
C SER B 291 -30.75 -1.17 -11.19
N GLY B 292 -29.60 -0.57 -10.88
CA GLY B 292 -29.36 0.80 -11.26
C GLY B 292 -30.20 1.82 -10.53
N ARG B 293 -30.81 1.45 -9.40
CA ARG B 293 -31.63 2.39 -8.65
C ARG B 293 -30.79 3.53 -8.07
N LEU B 294 -29.58 3.22 -7.62
CA LEU B 294 -28.73 4.17 -6.92
C LEU B 294 -27.41 4.33 -7.65
N LEU B 295 -26.88 5.55 -7.60
CA LEU B 295 -25.62 5.90 -8.24
C LEU B 295 -24.52 6.04 -7.19
N LEU B 296 -23.39 5.37 -7.44
CA LEU B 296 -22.21 5.46 -6.58
C LEU B 296 -21.17 6.31 -7.29
N ALA B 297 -20.71 7.36 -6.62
CA ALA B 297 -19.72 8.27 -7.19
C ALA B 297 -18.71 8.61 -6.11
N GLY B 298 -17.49 8.11 -6.26
CA GLY B 298 -16.47 8.33 -5.26
C GLY B 298 -15.72 9.63 -5.47
N TYR B 299 -16.14 10.68 -4.76
CA TYR B 299 -15.53 11.99 -4.92
C TYR B 299 -14.12 11.99 -4.36
N ASP B 300 -13.35 13.05 -4.64
CA ASP B 300 -11.97 13.13 -4.17
C ASP B 300 -11.80 14.01 -2.94
N ASP B 301 -12.91 14.41 -2.33
CA ASP B 301 -12.87 15.27 -1.15
C ASP B 301 -12.68 14.48 0.14
N PHE B 302 -11.87 13.41 0.08
CA PHE B 302 -11.54 12.53 1.21
C PHE B 302 -12.68 11.58 1.54
N ASN B 303 -13.83 11.75 0.89
CA ASN B 303 -15.02 10.97 1.20
C ASN B 303 -15.61 10.36 -0.07
N CYS B 304 -16.61 9.51 0.13
CA CYS B 304 -17.38 8.91 -0.95
C CYS B 304 -18.86 9.19 -0.72
N ASN B 305 -19.60 9.31 -1.81
CA ASN B 305 -21.01 9.68 -1.73
C ASN B 305 -21.85 8.66 -2.50
N VAL B 306 -23.03 8.37 -1.97
CA VAL B 306 -23.99 7.46 -2.61
C VAL B 306 -25.21 8.29 -2.97
N TRP B 307 -25.56 8.29 -4.26
CA TRP B 307 -26.66 9.10 -4.78
C TRP B 307 -27.82 8.19 -5.15
N ASP B 308 -28.99 8.81 -5.31
CA ASP B 308 -30.21 8.11 -5.70
C ASP B 308 -30.65 8.62 -7.06
N ALA B 309 -31.00 7.69 -7.96
CA ALA B 309 -31.27 8.04 -9.35
C ALA B 309 -32.75 8.31 -9.60
N LEU B 310 -33.47 8.77 -8.58
CA LEU B 310 -34.86 9.19 -8.76
C LEU B 310 -35.03 10.69 -8.73
N LYS B 311 -34.62 11.35 -7.65
CA LYS B 311 -34.84 12.79 -7.52
C LYS B 311 -33.55 13.57 -7.30
N ALA B 312 -32.39 13.02 -7.70
CA ALA B 312 -31.10 13.66 -7.50
C ALA B 312 -30.88 14.00 -6.04
N ASP B 313 -31.30 13.10 -5.15
CA ASP B 313 -31.19 13.29 -3.71
C ASP B 313 -30.19 12.29 -3.14
N ARG B 314 -29.24 12.80 -2.37
CA ARG B 314 -28.28 11.93 -1.71
C ARG B 314 -28.99 11.07 -0.68
N ALA B 315 -28.73 9.76 -0.71
CA ALA B 315 -29.43 8.79 0.13
C ALA B 315 -28.51 8.19 1.18
N GLY B 316 -27.36 8.81 1.41
CA GLY B 316 -26.42 8.32 2.39
C GLY B 316 -25.00 8.74 2.04
N VAL B 317 -24.12 8.63 3.03
CA VAL B 317 -22.71 8.96 2.87
C VAL B 317 -21.89 7.75 3.31
N LEU B 318 -20.68 7.64 2.77
CA LEU B 318 -19.80 6.51 3.03
C LEU B 318 -18.39 7.06 3.23
N ALA B 319 -18.02 7.29 4.49
CA ALA B 319 -16.76 7.95 4.83
C ALA B 319 -15.92 7.04 5.69
N GLY B 320 -14.82 6.53 5.15
CA GLY B 320 -13.90 5.72 5.91
C GLY B 320 -12.44 5.97 5.54
N HIS B 321 -12.21 6.90 4.61
CA HIS B 321 -10.88 7.19 4.11
C HIS B 321 -10.42 8.56 4.57
N ASP B 322 -9.09 8.75 4.59
CA ASP B 322 -8.48 10.01 4.96
C ASP B 322 -7.63 10.60 3.85
N ASN B 323 -7.82 10.15 2.61
CA ASN B 323 -7.04 10.66 1.48
C ASN B 323 -7.90 10.65 0.22
N ARG B 324 -7.24 10.80 -0.93
CA ARG B 324 -7.95 10.86 -2.20
C ARG B 324 -8.55 9.54 -2.64
N VAL B 325 -9.80 9.56 -3.05
CA VAL B 325 -10.47 8.35 -3.53
C VAL B 325 -10.20 8.22 -5.02
N SER B 326 -9.74 7.05 -5.45
CA SER B 326 -9.31 6.86 -6.83
C SER B 326 -10.17 5.87 -7.62
N CYS B 327 -10.58 4.76 -7.01
CA CYS B 327 -11.23 3.69 -7.76
C CYS B 327 -12.43 3.15 -7.00
N LEU B 328 -13.41 2.66 -7.76
CA LEU B 328 -14.60 2.03 -7.20
C LEU B 328 -14.88 0.69 -7.90
N GLY B 329 -16.04 0.10 -7.60
CA GLY B 329 -16.42 -1.15 -8.24
C GLY B 329 -17.53 -1.89 -7.54
N VAL B 330 -18.43 -2.48 -8.31
CA VAL B 330 -19.55 -3.26 -7.79
C VAL B 330 -19.51 -4.65 -8.42
N THR B 331 -19.75 -5.67 -7.60
CA THR B 331 -19.72 -7.04 -8.08
C THR B 331 -20.79 -7.27 -9.13
N ASP B 332 -20.65 -8.38 -9.87
CA ASP B 332 -21.60 -8.69 -10.93
C ASP B 332 -23.00 -8.93 -10.38
N ASP B 333 -23.11 -9.62 -9.25
CA ASP B 333 -24.38 -9.88 -8.61
C ASP B 333 -24.82 -8.76 -7.67
N GLY B 334 -24.04 -7.70 -7.55
CA GLY B 334 -24.42 -6.56 -6.74
C GLY B 334 -24.40 -6.80 -5.25
N MET B 335 -23.60 -7.76 -4.78
CA MET B 335 -23.57 -8.06 -3.35
C MET B 335 -22.90 -6.95 -2.56
N ALA B 336 -21.75 -6.47 -3.01
CA ALA B 336 -20.95 -5.52 -2.26
C ALA B 336 -20.37 -4.47 -3.19
N VAL B 337 -19.93 -3.36 -2.60
CA VAL B 337 -19.24 -2.29 -3.31
C VAL B 337 -17.93 -2.00 -2.57
N ALA B 338 -16.84 -1.88 -3.32
CA ALA B 338 -15.51 -1.67 -2.74
C ALA B 338 -14.96 -0.33 -3.20
N THR B 339 -14.28 0.36 -2.29
CA THR B 339 -13.70 1.67 -2.55
C THR B 339 -12.19 1.62 -2.37
N GLY B 340 -11.49 2.45 -3.13
CA GLY B 340 -10.04 2.55 -3.03
C GLY B 340 -9.59 3.97 -2.74
N SER B 341 -8.38 4.12 -2.22
CA SER B 341 -7.89 5.45 -1.86
C SER B 341 -6.36 5.43 -1.89
N TRP B 342 -5.78 6.63 -1.92
CA TRP B 342 -4.33 6.78 -2.03
C TRP B 342 -3.59 6.41 -0.75
N ASP B 343 -4.30 6.19 0.36
CA ASP B 343 -3.66 5.80 1.61
C ASP B 343 -3.35 4.31 1.67
N SER B 344 -3.54 3.59 0.56
CA SER B 344 -3.19 2.16 0.44
C SER B 344 -4.09 1.30 1.34
N PHE B 345 -5.38 1.60 1.37
CA PHE B 345 -6.35 0.83 2.15
C PHE B 345 -7.60 0.61 1.32
N LEU B 346 -7.94 -0.65 1.08
CA LEU B 346 -9.15 -1.04 0.38
C LEU B 346 -10.19 -1.51 1.38
N LYS B 347 -11.39 -0.91 1.31
CA LYS B 347 -12.47 -1.23 2.23
C LYS B 347 -13.67 -1.77 1.43
N ILE B 348 -14.20 -2.90 1.87
CA ILE B 348 -15.35 -3.53 1.23
C ILE B 348 -16.59 -3.19 2.05
N TRP B 349 -17.61 -2.67 1.40
CA TRP B 349 -18.82 -2.20 2.05
C TRP B 349 -20.00 -3.05 1.57
N ASN B 350 -20.88 -3.43 2.49
CA ASN B 350 -22.03 -4.25 2.15
C ASN B 350 -23.28 -3.76 2.87
N THR C 6 -1.20 24.06 -47.62
CA THR C 6 -2.38 23.70 -48.39
C THR C 6 -2.87 22.29 -48.03
N ALA C 7 -2.39 21.77 -46.90
CA ALA C 7 -2.77 20.45 -46.43
C ALA C 7 -3.96 20.48 -45.47
N SER C 8 -4.44 21.66 -45.10
CA SER C 8 -5.57 21.75 -44.19
C SER C 8 -6.91 21.41 -44.86
N ILE C 9 -6.96 21.45 -46.19
CA ILE C 9 -8.21 21.16 -46.89
C ILE C 9 -8.64 19.72 -46.65
N ALA C 10 -7.69 18.79 -46.67
CA ALA C 10 -8.02 17.39 -46.44
C ALA C 10 -8.58 17.17 -45.03
N GLN C 11 -7.94 17.76 -44.02
CA GLN C 11 -8.43 17.62 -42.66
C GLN C 11 -9.80 18.26 -42.48
N ALA C 12 -10.01 19.43 -43.08
CA ALA C 12 -11.31 20.09 -43.00
C ALA C 12 -12.38 19.25 -43.69
N ARG C 13 -12.05 18.66 -44.85
CA ARG C 13 -13.00 17.79 -45.53
C ARG C 13 -13.34 16.57 -44.70
N LYS C 14 -12.33 15.97 -44.06
CA LYS C 14 -12.60 14.81 -43.19
C LYS C 14 -13.49 15.19 -42.02
N LEU C 15 -13.23 16.34 -41.39
CA LEU C 15 -14.05 16.79 -40.28
C LEU C 15 -15.48 17.05 -40.72
N VAL C 16 -15.65 17.70 -41.88
CA VAL C 16 -17.00 17.97 -42.39
C VAL C 16 -17.72 16.67 -42.71
N GLU C 17 -17.00 15.71 -43.31
CA GLU C 17 -17.59 14.41 -43.59
C GLU C 17 -18.07 13.73 -42.32
N GLN C 18 -17.23 13.72 -41.29
CA GLN C 18 -17.63 13.10 -40.02
C GLN C 18 -18.83 13.81 -39.40
N LEU C 19 -18.82 15.14 -39.43
CA LEU C 19 -19.92 15.91 -38.84
C LEU C 19 -21.24 15.65 -39.55
N LYS C 20 -21.22 15.61 -40.90
CA LYS C 20 -22.45 15.39 -41.64
C LYS C 20 -22.89 13.93 -41.58
N MET C 21 -21.93 13.02 -41.37
CA MET C 21 -22.20 11.59 -41.30
C MET C 21 -22.61 11.13 -39.91
N GLU C 22 -22.39 11.95 -38.88
CA GLU C 22 -22.84 11.63 -37.54
C GLU C 22 -24.34 11.84 -37.35
N ALA C 23 -25.04 12.39 -38.35
CA ALA C 23 -26.45 12.74 -38.24
C ALA C 23 -27.34 11.74 -38.97
N ASN C 24 -27.03 10.45 -38.90
CA ASN C 24 -27.80 9.44 -39.60
C ASN C 24 -28.32 8.36 -38.66
N ILE C 25 -28.89 8.77 -37.53
CA ILE C 25 -29.46 7.85 -36.56
C ILE C 25 -30.87 8.31 -36.20
N ASP C 26 -31.60 7.43 -35.53
CA ASP C 26 -32.95 7.69 -35.08
C ASP C 26 -32.97 8.16 -33.63
N ARG C 27 -34.02 8.88 -33.28
CA ARG C 27 -34.17 9.45 -31.94
C ARG C 27 -35.57 9.14 -31.41
N ILE C 28 -35.67 9.09 -30.08
CA ILE C 28 -36.94 8.83 -29.40
C ILE C 28 -37.17 9.93 -28.37
N LYS C 29 -38.40 9.97 -27.86
CA LYS C 29 -38.77 10.94 -26.85
C LYS C 29 -38.13 10.60 -25.50
N VAL C 30 -38.00 11.62 -24.66
CA VAL C 30 -37.45 11.42 -23.32
C VAL C 30 -38.38 10.56 -22.47
N SER C 31 -39.69 10.69 -22.69
CA SER C 31 -40.66 9.95 -21.87
C SER C 31 -40.49 8.44 -22.06
N LYS C 32 -40.23 7.99 -23.28
CA LYS C 32 -40.04 6.57 -23.53
C LYS C 32 -38.82 6.03 -22.78
N ALA C 33 -37.71 6.77 -22.81
CA ALA C 33 -36.52 6.34 -22.08
C ALA C 33 -36.76 6.32 -20.58
N ALA C 34 -37.46 7.34 -20.07
CA ALA C 34 -37.77 7.38 -18.64
C ALA C 34 -38.65 6.19 -18.24
N ALA C 35 -39.66 5.88 -19.06
CA ALA C 35 -40.52 4.74 -18.77
C ALA C 35 -39.75 3.43 -18.81
N ASP C 36 -38.85 3.28 -19.79
CA ASP C 36 -38.05 2.06 -19.87
C ASP C 36 -37.16 1.91 -18.64
N LEU C 37 -36.51 3.00 -18.22
CA LEU C 37 -35.65 2.95 -17.04
C LEU C 37 -36.46 2.60 -15.79
N MET C 38 -37.63 3.24 -15.63
CA MET C 38 -38.47 2.93 -14.48
C MET C 38 -38.92 1.48 -14.48
N ALA C 39 -39.32 0.97 -15.65
CA ALA C 39 -39.77 -0.41 -15.73
C ALA C 39 -38.65 -1.38 -15.40
N TYR C 40 -37.44 -1.13 -15.93
CA TYR C 40 -36.32 -2.00 -15.60
C TYR C 40 -36.00 -1.97 -14.11
N CYS C 41 -35.99 -0.77 -13.52
CA CYS C 41 -35.69 -0.67 -12.08
C CYS C 41 -36.74 -1.40 -11.25
N GLU C 42 -38.02 -1.21 -11.58
CA GLU C 42 -39.08 -1.86 -10.82
C GLU C 42 -39.03 -3.38 -10.98
N ALA C 43 -38.72 -3.86 -12.19
CA ALA C 43 -38.69 -5.29 -12.43
C ALA C 43 -37.51 -5.96 -11.72
N HIS C 44 -36.35 -5.29 -11.70
CA HIS C 44 -35.15 -5.91 -11.17
C HIS C 44 -34.82 -5.47 -9.74
N ALA C 45 -35.68 -4.67 -9.10
CA ALA C 45 -35.45 -4.31 -7.71
C ALA C 45 -35.61 -5.47 -6.75
N LYS C 46 -36.24 -6.57 -7.20
CA LYS C 46 -36.45 -7.72 -6.32
C LYS C 46 -35.16 -8.45 -5.99
N GLU C 47 -34.11 -8.28 -6.80
CA GLU C 47 -32.84 -8.96 -6.61
C GLU C 47 -31.70 -7.95 -6.44
N ASP C 48 -31.94 -6.91 -5.64
CA ASP C 48 -30.95 -5.88 -5.38
C ASP C 48 -30.54 -5.92 -3.92
N PRO C 49 -29.43 -6.57 -3.56
CA PRO C 49 -29.02 -6.61 -2.15
C PRO C 49 -28.76 -5.23 -1.56
N LEU C 50 -28.27 -4.28 -2.35
CA LEU C 50 -28.00 -2.96 -1.82
C LEU C 50 -29.29 -2.21 -1.48
N LEU C 51 -30.29 -2.30 -2.35
CA LEU C 51 -31.53 -1.56 -2.12
C LEU C 51 -32.28 -2.12 -0.91
N THR C 52 -32.46 -3.42 -0.85
CA THR C 52 -33.15 -4.07 0.26
C THR C 52 -32.15 -4.79 1.15
N PRO C 53 -31.92 -4.33 2.38
CA PRO C 53 -31.01 -5.06 3.27
C PRO C 53 -31.51 -6.47 3.53
N VAL C 54 -30.57 -7.41 3.65
CA VAL C 54 -30.90 -8.82 3.83
C VAL C 54 -30.39 -9.28 5.20
N PRO C 55 -31.00 -10.28 5.81
CA PRO C 55 -30.46 -10.82 7.07
C PRO C 55 -29.14 -11.53 6.85
N ALA C 56 -28.43 -11.75 7.94
CA ALA C 56 -27.08 -12.31 7.91
C ALA C 56 -27.06 -13.76 7.46
N SER C 57 -28.24 -14.39 7.38
CA SER C 57 -28.30 -15.79 6.95
C SER C 57 -27.79 -15.96 5.53
N GLU C 58 -28.18 -15.06 4.62
CA GLU C 58 -27.76 -15.12 3.22
C GLU C 58 -26.67 -14.12 2.88
N ASN C 59 -26.18 -13.37 3.86
CA ASN C 59 -25.16 -12.36 3.61
C ASN C 59 -23.79 -12.98 3.74
N PRO C 60 -22.99 -13.07 2.67
CA PRO C 60 -21.67 -13.70 2.74
C PRO C 60 -20.56 -12.77 3.23
N PHE C 61 -20.82 -11.47 3.36
CA PHE C 61 -19.82 -10.53 3.87
C PHE C 61 -20.16 -10.04 5.26
N ARG C 62 -20.92 -10.82 6.03
CA ARG C 62 -21.27 -10.44 7.39
C ARG C 62 -20.06 -10.48 8.30
N GLU C 63 -20.14 -9.73 9.40
CA GLU C 63 -19.06 -9.66 10.37
C GLU C 63 -19.29 -10.73 11.44
N LYS C 64 -18.27 -11.56 11.67
CA LYS C 64 -18.34 -12.64 12.63
C LYS C 64 -17.56 -12.27 13.90
N LYS C 65 -17.51 -13.22 14.83
CA LYS C 65 -16.77 -13.01 16.08
C LYS C 65 -15.27 -12.87 15.82
N PHE C 66 -14.72 -13.71 14.95
CA PHE C 66 -13.30 -13.66 14.64
C PHE C 66 -13.02 -14.26 13.26
N VAL D 2 5.37 -29.03 -17.62
CA VAL D 2 6.58 -29.08 -16.82
C VAL D 2 6.97 -30.53 -16.55
N GLN D 3 8.21 -30.75 -16.14
CA GLN D 3 8.71 -32.08 -15.81
C GLN D 3 9.29 -32.06 -14.40
N LEU D 4 9.06 -33.15 -13.67
CA LEU D 4 9.38 -33.23 -12.24
C LEU D 4 10.02 -34.59 -11.98
N VAL D 5 11.34 -34.61 -11.82
CA VAL D 5 12.07 -35.85 -11.60
C VAL D 5 12.27 -36.04 -10.10
N GLU D 6 11.96 -37.24 -9.61
CA GLU D 6 12.22 -37.62 -8.22
C GLU D 6 13.14 -38.83 -8.19
N SER D 7 13.88 -38.97 -7.10
CA SER D 7 14.78 -40.10 -6.93
C SER D 7 14.53 -40.80 -5.60
N GLY D 8 15.41 -41.72 -5.21
CA GLY D 8 15.29 -42.45 -3.97
C GLY D 8 14.53 -43.76 -4.05
N GLY D 9 13.99 -44.11 -5.21
CA GLY D 9 13.29 -45.38 -5.34
C GLY D 9 14.23 -46.56 -5.26
N GLY D 10 13.67 -47.70 -4.84
CA GLY D 10 14.45 -48.91 -4.69
C GLY D 10 14.09 -49.69 -3.45
N LEU D 11 14.99 -50.58 -3.02
CA LEU D 11 14.78 -51.41 -1.84
C LEU D 11 15.61 -50.86 -0.69
N VAL D 12 15.00 -50.75 0.49
CA VAL D 12 15.64 -50.23 1.67
C VAL D 12 15.35 -51.15 2.85
N GLN D 13 16.37 -51.45 3.64
CA GLN D 13 16.23 -52.34 4.79
C GLN D 13 15.57 -51.61 5.96
N PRO D 14 14.90 -52.36 6.84
CA PRO D 14 14.26 -51.70 8.00
C PRO D 14 15.22 -50.93 8.87
N GLY D 15 16.46 -51.40 9.03
CA GLY D 15 17.46 -50.67 9.78
C GLY D 15 18.49 -50.04 8.88
N GLY D 16 18.39 -48.73 8.68
CA GLY D 16 19.31 -48.04 7.78
C GLY D 16 18.84 -46.62 7.55
N SER D 17 19.53 -45.94 6.64
CA SER D 17 19.22 -44.56 6.31
C SER D 17 19.34 -44.36 4.80
N ARG D 18 18.40 -43.60 4.25
CA ARG D 18 18.45 -43.21 2.85
C ARG D 18 17.67 -41.91 2.68
N LYS D 19 17.95 -41.21 1.58
CA LYS D 19 17.34 -39.91 1.32
C LYS D 19 16.67 -39.92 -0.05
N LEU D 20 15.48 -39.31 -0.11
CA LEU D 20 14.77 -39.13 -1.36
C LEU D 20 15.15 -37.79 -1.98
N SER D 21 14.94 -37.67 -3.29
CA SER D 21 15.25 -36.46 -4.02
C SER D 21 14.08 -36.08 -4.92
N CYS D 22 13.93 -34.78 -5.15
CA CYS D 22 12.95 -34.27 -6.09
C CYS D 22 13.50 -33.02 -6.75
N SER D 23 13.27 -32.88 -8.06
CA SER D 23 13.73 -31.74 -8.82
C SER D 23 12.55 -31.13 -9.54
N ALA D 24 12.33 -29.83 -9.33
CA ALA D 24 11.24 -29.10 -9.95
C ALA D 24 11.81 -28.12 -10.98
N SER D 25 11.44 -28.31 -12.24
CA SER D 25 11.90 -27.46 -13.33
C SER D 25 10.70 -26.99 -14.13
N GLY D 26 10.74 -25.72 -14.53
CA GLY D 26 9.65 -25.12 -15.27
C GLY D 26 8.58 -24.48 -14.43
N PHE D 27 8.65 -24.62 -13.10
CA PHE D 27 7.68 -23.98 -12.22
C PHE D 27 8.35 -23.69 -10.88
N ALA D 28 7.73 -22.77 -10.13
CA ALA D 28 8.31 -22.26 -8.89
C ALA D 28 8.14 -23.30 -7.79
N PHE D 29 9.22 -24.01 -7.46
CA PHE D 29 9.19 -24.98 -6.38
C PHE D 29 9.00 -24.33 -5.03
N SER D 30 9.30 -23.04 -4.90
CA SER D 30 9.24 -22.35 -3.62
C SER D 30 7.90 -21.66 -3.37
N SER D 31 6.91 -21.87 -4.22
CA SER D 31 5.59 -21.28 -4.04
C SER D 31 4.49 -22.32 -4.29
N PHE D 32 4.72 -23.56 -3.87
CA PHE D 32 3.74 -24.62 -4.05
C PHE D 32 3.79 -25.56 -2.87
N GLY D 33 2.62 -25.85 -2.31
CA GLY D 33 2.56 -26.78 -1.18
C GLY D 33 3.04 -28.16 -1.58
N MET D 34 3.75 -28.80 -0.66
CA MET D 34 4.35 -30.11 -0.89
C MET D 34 3.54 -31.19 -0.20
N HIS D 35 3.56 -32.38 -0.80
CA HIS D 35 2.82 -33.50 -0.25
C HIS D 35 3.48 -34.82 -0.57
N TRP D 36 3.09 -35.87 0.15
CA TRP D 36 3.64 -37.20 -0.05
C TRP D 36 2.50 -38.20 0.11
N VAL D 37 2.49 -39.22 -0.75
CA VAL D 37 1.40 -40.19 -0.81
C VAL D 37 1.98 -41.59 -0.72
N ARG D 38 1.38 -42.43 0.12
CA ARG D 38 1.81 -43.82 0.30
C ARG D 38 0.86 -44.72 -0.47
N GLN D 39 1.27 -45.09 -1.69
CA GLN D 39 0.46 -45.95 -2.55
C GLN D 39 0.71 -47.41 -2.18
N ALA D 40 -0.25 -48.03 -1.52
CA ALA D 40 -0.15 -49.45 -1.22
C ALA D 40 -0.63 -50.25 -2.42
N PRO D 41 0.19 -51.17 -2.96
CA PRO D 41 -0.19 -51.87 -4.19
C PRO D 41 -1.42 -52.74 -4.00
N GLU D 42 -2.21 -52.84 -5.08
CA GLU D 42 -3.41 -53.67 -5.20
C GLU D 42 -4.35 -53.57 -3.99
N LYS D 43 -4.37 -52.43 -3.31
CA LYS D 43 -5.26 -52.23 -2.18
C LYS D 43 -5.41 -50.74 -1.92
N GLY D 44 -6.15 -50.38 -0.87
CA GLY D 44 -6.26 -49.00 -0.48
C GLY D 44 -4.93 -48.43 0.02
N LEU D 45 -4.80 -47.11 -0.13
CA LEU D 45 -3.54 -46.43 0.14
C LEU D 45 -3.80 -45.23 1.02
N GLU D 46 -2.73 -44.64 1.56
CA GLU D 46 -2.91 -43.49 2.43
C GLU D 46 -2.01 -42.30 2.10
N TRP D 47 -2.33 -41.15 2.68
CA TRP D 47 -1.54 -39.94 2.45
C TRP D 47 -0.41 -39.80 3.48
N VAL D 48 0.75 -39.29 3.06
CA VAL D 48 1.91 -39.25 3.97
C VAL D 48 2.11 -37.94 4.71
N ALA D 49 2.80 -36.97 4.10
CA ALA D 49 3.12 -35.71 4.80
C ALA D 49 2.91 -34.44 3.97
N TYR D 50 2.73 -33.29 4.64
CA TYR D 50 2.49 -32.03 3.96
C TYR D 50 3.39 -30.97 4.57
N ILE D 51 4.25 -30.37 3.75
CA ILE D 51 5.08 -29.24 4.16
C ILE D 51 4.85 -28.09 3.19
N SER D 52 4.49 -26.93 3.72
CA SER D 52 4.20 -25.80 2.85
C SER D 52 5.49 -25.22 2.30
N SER D 53 5.34 -24.35 1.30
CA SER D 53 6.50 -23.68 0.72
C SER D 53 7.21 -22.84 1.77
N GLY D 54 8.53 -22.98 1.85
CA GLY D 54 9.29 -22.29 2.87
C GLY D 54 9.31 -22.95 4.22
N SER D 55 8.87 -24.22 4.31
CA SER D 55 8.92 -24.99 5.55
C SER D 55 8.12 -24.34 6.67
N GLY D 56 6.99 -23.72 6.33
CA GLY D 56 6.17 -23.07 7.36
C GLY D 56 5.55 -24.06 8.33
N THR D 57 5.01 -25.16 7.81
CA THR D 57 4.30 -26.16 8.61
C THR D 57 4.78 -27.54 8.22
N ILE D 58 4.82 -28.45 9.21
CA ILE D 58 5.23 -29.83 8.99
C ILE D 58 4.15 -30.75 9.57
N TYR D 59 3.83 -31.80 8.85
CA TYR D 59 2.83 -32.78 9.27
C TYR D 59 3.37 -34.18 9.00
N TYR D 60 2.95 -35.13 9.83
CA TYR D 60 3.39 -36.51 9.69
C TYR D 60 2.20 -37.45 9.86
N ALA D 61 2.30 -38.63 9.24
CA ALA D 61 1.29 -39.65 9.42
C ALA D 61 1.43 -40.31 10.79
N ASP D 62 0.30 -40.84 11.29
CA ASP D 62 0.31 -41.42 12.63
C ASP D 62 1.22 -42.64 12.72
N THR D 63 1.22 -43.49 11.69
CA THR D 63 1.99 -44.72 11.73
C THR D 63 3.49 -44.48 11.62
N VAL D 64 3.91 -43.33 11.09
CA VAL D 64 5.33 -43.02 10.94
C VAL D 64 5.71 -41.77 11.73
N LYS D 65 4.90 -41.40 12.73
CA LYS D 65 5.14 -40.18 13.49
C LYS D 65 6.40 -40.32 14.33
N GLY D 66 7.28 -39.33 14.24
CA GLY D 66 8.51 -39.34 15.02
C GLY D 66 9.55 -40.31 14.52
N ARG D 67 9.39 -40.88 13.34
CA ARG D 67 10.30 -41.90 12.82
C ARG D 67 11.04 -41.46 11.57
N PHE D 68 10.52 -40.50 10.81
CA PHE D 68 11.12 -40.04 9.57
C PHE D 68 11.54 -38.58 9.69
N THR D 69 12.49 -38.19 8.87
CA THR D 69 13.00 -36.83 8.83
C THR D 69 12.92 -36.29 7.42
N ILE D 70 12.49 -35.04 7.28
CA ILE D 70 12.33 -34.38 5.98
C ILE D 70 13.09 -33.06 6.01
N SER D 71 13.87 -32.81 4.97
CA SER D 71 14.66 -31.59 4.86
C SER D 71 14.52 -31.01 3.46
N ARG D 72 14.38 -29.68 3.40
CA ARG D 72 14.13 -28.97 2.15
C ARG D 72 15.33 -28.12 1.77
N ASP D 73 15.56 -27.98 0.47
CA ASP D 73 16.64 -27.16 -0.08
C ASP D 73 16.02 -26.24 -1.14
N ASP D 74 15.62 -25.04 -0.72
CA ASP D 74 15.04 -24.08 -1.66
C ASP D 74 15.99 -23.67 -2.77
N PRO D 75 17.27 -23.35 -2.53
CA PRO D 75 18.15 -22.98 -3.65
C PRO D 75 18.26 -24.06 -4.71
N LYS D 76 18.28 -25.33 -4.31
CA LYS D 76 18.37 -26.44 -5.25
C LYS D 76 17.01 -26.99 -5.66
N ASN D 77 15.92 -26.44 -5.12
CA ASN D 77 14.56 -26.91 -5.41
C ASN D 77 14.42 -28.41 -5.13
N THR D 78 15.00 -28.85 -4.02
CA THR D 78 15.04 -30.26 -3.68
C THR D 78 14.46 -30.47 -2.28
N LEU D 79 13.56 -31.45 -2.17
CA LEU D 79 13.00 -31.86 -0.89
C LEU D 79 13.45 -33.29 -0.60
N PHE D 80 14.02 -33.50 0.59
CA PHE D 80 14.64 -34.75 0.97
C PHE D 80 13.76 -35.49 1.97
N LEU D 81 14.09 -36.76 2.22
CA LEU D 81 13.41 -37.56 3.23
C LEU D 81 14.42 -38.51 3.87
N GLN D 82 14.71 -38.28 5.14
CA GLN D 82 15.68 -39.07 5.89
C GLN D 82 14.94 -40.05 6.79
N MET D 83 15.39 -41.30 6.80
CA MET D 83 14.75 -42.38 7.53
C MET D 83 15.70 -42.99 8.55
N THR D 84 15.16 -43.44 9.66
CA THR D 84 15.92 -44.10 10.72
C THR D 84 15.53 -45.56 10.88
N SER D 85 14.24 -45.83 11.08
CA SER D 85 13.73 -47.20 11.18
C SER D 85 12.48 -47.30 10.33
N LEU D 86 12.15 -48.54 9.94
CA LEU D 86 11.09 -48.76 8.96
C LEU D 86 10.11 -49.82 9.47
N ARG D 87 8.97 -49.88 8.78
CA ARG D 87 7.98 -50.92 8.99
C ARG D 87 7.52 -51.41 7.62
N SER D 88 6.95 -52.63 7.59
CA SER D 88 6.57 -53.25 6.33
C SER D 88 5.41 -52.53 5.63
N GLU D 89 4.73 -51.61 6.32
CA GLU D 89 3.58 -50.91 5.75
C GLU D 89 3.94 -49.54 5.22
N ASP D 90 5.16 -49.36 4.72
CA ASP D 90 5.62 -48.07 4.23
C ASP D 90 5.93 -48.05 2.75
N THR D 91 5.56 -49.09 2.01
CA THR D 91 5.71 -49.07 0.55
C THR D 91 4.83 -47.97 -0.03
N ALA D 92 5.44 -47.12 -0.87
CA ALA D 92 4.77 -45.89 -1.25
C ALA D 92 5.14 -45.51 -2.67
N MET D 93 4.29 -44.66 -3.26
CA MET D 93 4.55 -43.99 -4.53
C MET D 93 4.34 -42.50 -4.25
N TYR D 94 5.44 -41.75 -4.18
CA TYR D 94 5.38 -40.37 -3.70
C TYR D 94 5.24 -39.39 -4.85
N TYR D 95 4.43 -38.35 -4.65
CA TYR D 95 4.18 -37.35 -5.68
C TYR D 95 4.33 -35.95 -5.12
N CYS D 96 5.41 -35.27 -5.49
CA CYS D 96 5.47 -33.83 -5.40
C CYS D 96 4.43 -33.25 -6.35
N VAL D 97 3.45 -32.56 -5.80
CA VAL D 97 2.30 -32.13 -6.59
C VAL D 97 2.30 -30.60 -6.71
N ARG D 98 2.22 -30.14 -7.96
CA ARG D 98 2.15 -28.72 -8.23
C ARG D 98 0.76 -28.26 -7.86
N SER D 99 0.57 -27.95 -6.60
CA SER D 99 -0.73 -27.53 -6.08
C SER D 99 -0.53 -26.83 -4.76
N ILE D 100 -0.98 -25.59 -4.68
CA ILE D 100 -0.93 -24.84 -3.43
C ILE D 100 -2.31 -24.23 -3.21
N TYR D 101 -2.68 -24.22 -1.92
CA TYR D 101 -4.04 -23.85 -1.51
C TYR D 101 -4.51 -22.43 -1.59
N TYR D 102 -4.80 -21.99 -2.79
CA TYR D 102 -5.43 -20.69 -2.98
C TYR D 102 -6.70 -20.88 -3.79
N TYR D 103 -7.63 -19.96 -3.63
CA TYR D 103 -8.94 -20.10 -4.27
C TYR D 103 -8.79 -20.16 -5.79
N GLY D 104 -9.51 -21.10 -6.41
CA GLY D 104 -9.38 -21.34 -7.83
C GLY D 104 -8.38 -22.40 -8.20
N SER D 105 -7.60 -22.91 -7.24
CA SER D 105 -6.61 -23.93 -7.49
C SER D 105 -6.97 -25.19 -6.72
N SER D 106 -6.58 -26.34 -7.27
CA SER D 106 -6.95 -27.60 -6.67
C SER D 106 -5.74 -28.30 -6.06
N PRO D 107 -5.85 -28.78 -4.82
CA PRO D 107 -4.78 -29.61 -4.26
C PRO D 107 -4.56 -30.86 -5.09
N PHE D 108 -3.31 -31.29 -5.16
CA PHE D 108 -2.90 -32.42 -5.99
C PHE D 108 -3.31 -32.20 -7.45
N ASP D 109 -3.11 -30.97 -7.94
CA ASP D 109 -3.52 -30.63 -9.30
C ASP D 109 -2.59 -31.27 -10.34
N PHE D 110 -1.32 -30.89 -10.32
CA PHE D 110 -0.33 -31.37 -11.28
C PHE D 110 0.64 -32.27 -10.51
N TRP D 111 0.45 -33.58 -10.67
CA TRP D 111 1.27 -34.53 -9.92
C TRP D 111 2.67 -34.70 -10.50
N GLY D 112 2.92 -34.17 -11.70
CA GLY D 112 4.22 -34.35 -12.32
C GLY D 112 4.46 -35.80 -12.66
N GLN D 113 5.57 -36.35 -12.16
CA GLN D 113 5.91 -37.75 -12.39
C GLN D 113 5.94 -38.55 -11.09
N GLY D 114 6.71 -38.11 -10.10
CA GLY D 114 6.84 -38.83 -8.85
C GLY D 114 7.80 -40.01 -8.95
N THR D 115 8.03 -40.64 -7.80
CA THR D 115 8.90 -41.80 -7.73
C THR D 115 8.28 -42.84 -6.81
N THR D 116 8.91 -44.01 -6.77
CA THR D 116 8.43 -45.14 -5.99
C THR D 116 9.24 -45.29 -4.70
N LEU D 117 8.73 -46.15 -3.82
CA LEU D 117 9.44 -46.52 -2.60
C LEU D 117 9.00 -47.93 -2.23
N THR D 118 9.93 -48.87 -2.25
CA THR D 118 9.67 -50.24 -1.84
C THR D 118 10.43 -50.52 -0.55
N VAL D 119 9.72 -50.91 0.49
CA VAL D 119 10.30 -51.16 1.80
C VAL D 119 10.42 -52.67 1.99
N SER D 120 11.66 -53.14 2.09
CA SER D 120 11.90 -54.57 2.31
C SER D 120 11.48 -54.96 3.72
N SER D 121 10.90 -56.16 3.84
CA SER D 121 10.46 -56.66 5.13
C SER D 121 11.63 -57.23 5.93
N SER D 136 -12.89 -36.33 10.47
CA SER D 136 -11.97 -35.82 9.46
C SER D 136 -11.41 -36.96 8.61
N ASP D 137 -10.67 -37.85 9.25
CA ASP D 137 -10.07 -38.98 8.53
C ASP D 137 -11.11 -40.06 8.27
N ILE D 138 -12.04 -39.78 7.36
CA ILE D 138 -13.09 -40.74 7.04
C ILE D 138 -12.53 -42.13 6.86
N VAL D 139 -13.22 -43.14 7.38
CA VAL D 139 -12.76 -44.53 7.25
C VAL D 139 -12.62 -44.87 5.78
N MET D 140 -11.93 -45.98 5.51
CA MET D 140 -11.66 -46.44 4.15
C MET D 140 -12.70 -47.47 3.75
N THR D 141 -13.34 -47.26 2.60
CA THR D 141 -14.33 -48.21 2.10
C THR D 141 -14.51 -48.02 0.61
N GLN D 142 -14.42 -49.11 -0.15
CA GLN D 142 -14.78 -49.12 -1.57
C GLN D 142 -15.05 -50.58 -1.93
N ALA D 143 -16.33 -50.93 -2.04
CA ALA D 143 -16.72 -52.34 -2.16
C ALA D 143 -16.29 -52.94 -3.49
N THR D 144 -16.26 -52.14 -4.56
CA THR D 144 -15.94 -52.67 -5.88
C THR D 144 -14.50 -53.17 -5.92
N SER D 145 -14.31 -54.33 -6.56
CA SER D 145 -12.99 -54.92 -6.75
C SER D 145 -12.57 -54.97 -8.21
N SER D 146 -13.40 -55.57 -9.05
CA SER D 146 -13.13 -55.63 -10.49
C SER D 146 -14.44 -55.92 -11.21
N VAL D 147 -14.66 -55.21 -12.31
CA VAL D 147 -15.89 -55.36 -13.08
C VAL D 147 -15.55 -55.36 -14.57
N PRO D 148 -15.74 -56.47 -15.27
CA PRO D 148 -15.58 -56.46 -16.73
C PRO D 148 -16.66 -55.61 -17.38
N VAL D 149 -16.29 -54.98 -18.50
CA VAL D 149 -17.19 -54.05 -19.18
C VAL D 149 -16.76 -53.94 -20.63
N THR D 150 -17.73 -53.69 -21.52
CA THR D 150 -17.55 -53.52 -22.96
C THR D 150 -17.57 -52.06 -23.31
N PRO D 151 -16.64 -51.57 -24.13
CA PRO D 151 -16.64 -50.16 -24.51
C PRO D 151 -17.93 -49.75 -25.19
N GLY D 152 -18.36 -48.51 -24.94
CA GLY D 152 -19.58 -47.98 -25.50
C GLY D 152 -20.73 -47.83 -24.52
N GLU D 153 -20.53 -48.16 -23.24
CA GLU D 153 -21.56 -48.02 -22.23
C GLU D 153 -20.98 -47.38 -20.99
N SER D 154 -21.84 -46.70 -20.23
CA SER D 154 -21.41 -46.00 -19.03
C SER D 154 -21.00 -46.99 -17.94
N VAL D 155 -20.01 -46.58 -17.15
CA VAL D 155 -19.52 -47.36 -16.02
C VAL D 155 -19.65 -46.50 -14.77
N SER D 156 -20.21 -47.08 -13.71
CA SER D 156 -20.45 -46.36 -12.46
C SER D 156 -19.80 -47.10 -11.31
N ILE D 157 -19.05 -46.37 -10.49
CA ILE D 157 -18.48 -46.88 -9.25
C ILE D 157 -18.79 -45.89 -8.14
N SER D 158 -18.92 -46.40 -6.91
CA SER D 158 -19.39 -45.62 -5.78
C SER D 158 -18.35 -45.62 -4.67
N CYS D 159 -18.13 -44.46 -4.07
CA CYS D 159 -17.31 -44.29 -2.87
C CYS D 159 -18.09 -43.46 -1.88
N ARG D 160 -18.21 -43.94 -0.65
CA ARG D 160 -19.06 -43.32 0.35
C ARG D 160 -18.23 -42.85 1.54
N SER D 161 -18.79 -41.88 2.26
CA SER D 161 -18.16 -41.28 3.42
C SER D 161 -18.96 -41.62 4.68
N SER D 162 -18.50 -41.09 5.81
CA SER D 162 -19.16 -41.29 7.10
C SER D 162 -19.64 -40.00 7.73
N LYS D 163 -19.32 -38.84 7.16
CA LYS D 163 -19.72 -37.55 7.71
C LYS D 163 -20.11 -36.62 6.57
N SER D 164 -20.98 -35.66 6.87
CA SER D 164 -21.46 -34.71 5.86
C SER D 164 -20.34 -33.75 5.50
N LEU D 165 -19.89 -33.80 4.25
CA LEU D 165 -18.81 -32.95 3.78
C LEU D 165 -19.29 -31.57 3.32
N LEU D 166 -20.60 -31.30 3.39
CA LEU D 166 -21.15 -30.00 3.00
C LEU D 166 -20.97 -29.04 4.17
N HIS D 167 -19.90 -28.26 4.12
CA HIS D 167 -19.64 -27.26 5.14
C HIS D 167 -20.52 -26.04 4.89
N SER D 168 -20.26 -24.96 5.63
CA SER D 168 -20.97 -23.71 5.38
C SER D 168 -20.66 -23.17 3.99
N ASN D 169 -19.40 -23.27 3.56
CA ASN D 169 -19.01 -22.83 2.23
C ASN D 169 -19.48 -23.77 1.14
N GLY D 170 -19.80 -25.02 1.47
CA GLY D 170 -20.25 -25.99 0.50
C GLY D 170 -19.14 -26.77 -0.19
N ASN D 171 -17.89 -26.58 0.20
CA ASN D 171 -16.79 -27.30 -0.41
C ASN D 171 -16.82 -28.76 0.02
N THR D 172 -16.68 -29.68 -0.93
CA THR D 172 -16.59 -31.10 -0.66
C THR D 172 -15.24 -31.61 -1.16
N TYR D 173 -14.45 -32.19 -0.27
CA TYR D 173 -13.06 -32.51 -0.54
C TYR D 173 -12.95 -33.97 -0.96
N LEU D 174 -13.39 -34.25 -2.19
CA LEU D 174 -13.33 -35.59 -2.76
C LEU D 174 -12.54 -35.55 -4.05
N TYR D 175 -11.47 -36.35 -4.13
CA TYR D 175 -10.54 -36.35 -5.25
C TYR D 175 -10.48 -37.75 -5.84
N TRP D 176 -10.22 -37.84 -7.15
CA TRP D 176 -10.04 -39.10 -7.84
C TRP D 176 -8.80 -39.02 -8.74
N PHE D 177 -7.98 -40.08 -8.74
CA PHE D 177 -6.91 -40.19 -9.73
C PHE D 177 -6.84 -41.62 -10.22
N LEU D 178 -6.56 -41.78 -11.52
CA LEU D 178 -6.53 -43.08 -12.17
C LEU D 178 -5.09 -43.55 -12.35
N GLN D 179 -4.86 -44.83 -12.10
CA GLN D 179 -3.55 -45.44 -12.26
C GLN D 179 -3.59 -46.46 -13.39
N ARG D 180 -2.55 -46.45 -14.23
CA ARG D 180 -2.40 -47.40 -15.32
C ARG D 180 -1.12 -48.20 -15.12
N PRO D 181 -1.09 -49.46 -15.54
CA PRO D 181 0.12 -50.28 -15.33
C PRO D 181 1.32 -49.71 -16.08
N GLY D 182 2.46 -49.68 -15.41
CA GLY D 182 3.68 -49.18 -16.00
C GLY D 182 3.76 -47.67 -16.12
N GLN D 183 2.80 -46.94 -15.56
CA GLN D 183 2.77 -45.49 -15.66
C GLN D 183 2.37 -44.90 -14.32
N SER D 184 3.02 -43.81 -13.94
CA SER D 184 2.68 -43.14 -12.70
C SER D 184 1.34 -42.44 -12.83
N PRO D 185 0.37 -42.71 -11.95
CA PRO D 185 -0.95 -42.11 -12.08
C PRO D 185 -0.92 -40.59 -11.93
N GLN D 186 -1.90 -39.94 -12.56
CA GLN D 186 -2.09 -38.50 -12.50
C GLN D 186 -3.52 -38.20 -12.07
N LEU D 187 -3.77 -36.93 -11.76
CA LEU D 187 -5.10 -36.49 -11.35
C LEU D 187 -6.09 -36.58 -12.51
N LEU D 188 -7.30 -37.02 -12.20
CA LEU D 188 -8.40 -37.04 -13.18
C LEU D 188 -9.54 -36.12 -12.79
N ILE D 189 -10.16 -36.33 -11.63
CA ILE D 189 -11.30 -35.53 -11.19
C ILE D 189 -11.08 -35.12 -9.75
N TYR D 190 -11.32 -33.86 -9.44
CA TYR D 190 -11.32 -33.36 -8.07
C TYR D 190 -12.64 -32.66 -7.78
N ARG D 191 -13.13 -32.82 -6.55
CA ARG D 191 -14.31 -32.14 -6.01
C ARG D 191 -15.62 -32.71 -6.52
N MET D 192 -15.59 -33.64 -7.48
CA MET D 192 -16.78 -34.13 -8.18
C MET D 192 -17.61 -33.01 -8.79
N SER D 193 -17.00 -31.84 -9.01
CA SER D 193 -17.64 -30.77 -9.74
C SER D 193 -16.72 -30.08 -10.73
N ASN D 194 -15.40 -30.22 -10.60
CA ASN D 194 -14.43 -29.56 -11.46
C ASN D 194 -13.49 -30.60 -12.04
N LEU D 195 -13.36 -30.61 -13.36
CA LEU D 195 -12.48 -31.56 -14.04
C LEU D 195 -11.08 -30.97 -14.17
N ALA D 196 -10.08 -31.84 -14.05
CA ALA D 196 -8.69 -31.42 -14.17
C ALA D 196 -8.40 -31.06 -15.63
N SER D 197 -7.19 -30.58 -15.88
CA SER D 197 -6.77 -30.19 -17.22
C SER D 197 -5.78 -31.22 -17.76
N GLY D 198 -5.65 -31.26 -19.08
CA GLY D 198 -4.78 -32.23 -19.73
C GLY D 198 -5.33 -33.64 -19.66
N VAL D 199 -6.64 -33.76 -19.42
CA VAL D 199 -7.30 -35.06 -19.35
C VAL D 199 -8.49 -35.04 -20.31
N PRO D 200 -8.91 -36.20 -20.82
CA PRO D 200 -10.06 -36.22 -21.73
C PRO D 200 -11.34 -35.74 -21.03
N ASP D 201 -12.21 -35.11 -21.83
CA ASP D 201 -13.44 -34.54 -21.28
C ASP D 201 -14.48 -35.62 -20.99
N ARG D 202 -14.24 -36.85 -21.42
CA ARG D 202 -15.23 -37.91 -21.27
C ARG D 202 -15.50 -38.24 -19.81
N PHE D 203 -14.48 -38.14 -18.96
CA PHE D 203 -14.68 -38.40 -17.53
C PHE D 203 -15.59 -37.34 -16.92
N SER D 204 -16.38 -37.77 -15.95
CA SER D 204 -17.34 -36.89 -15.28
C SER D 204 -17.69 -37.49 -13.93
N GLY D 205 -18.65 -36.87 -13.26
CA GLY D 205 -19.09 -37.34 -11.96
C GLY D 205 -20.11 -36.43 -11.31
N SER D 206 -20.98 -36.99 -10.48
CA SER D 206 -21.99 -36.21 -9.78
C SER D 206 -22.37 -36.91 -8.50
N GLY D 207 -22.62 -36.13 -7.45
CA GLY D 207 -23.01 -36.69 -6.17
C GLY D 207 -23.36 -35.60 -5.19
N SER D 208 -24.02 -36.00 -4.11
CA SER D 208 -24.45 -35.07 -3.08
C SER D 208 -24.68 -35.84 -1.78
N GLY D 209 -24.76 -35.09 -0.69
CA GLY D 209 -25.00 -35.68 0.61
C GLY D 209 -23.82 -36.48 1.13
N THR D 210 -23.97 -37.80 1.18
CA THR D 210 -22.94 -38.70 1.69
C THR D 210 -22.39 -39.65 0.65
N ALA D 211 -23.25 -40.24 -0.18
CA ALA D 211 -22.80 -41.20 -1.18
C ALA D 211 -22.43 -40.48 -2.47
N PHE D 212 -21.31 -40.89 -3.07
CA PHE D 212 -20.80 -40.29 -4.29
C PHE D 212 -20.55 -41.38 -5.33
N THR D 213 -20.91 -41.10 -6.57
CA THR D 213 -20.80 -42.06 -7.66
C THR D 213 -20.07 -41.42 -8.84
N LEU D 214 -19.07 -42.12 -9.36
CA LEU D 214 -18.33 -41.67 -10.53
C LEU D 214 -18.95 -42.30 -11.78
N THR D 215 -19.25 -41.46 -12.77
CA THR D 215 -19.88 -41.90 -14.01
C THR D 215 -19.04 -41.48 -15.20
N ILE D 216 -18.80 -42.43 -16.11
CA ILE D 216 -18.05 -42.19 -17.34
C ILE D 216 -19.04 -42.12 -18.49
N SER D 217 -18.97 -41.02 -19.25
CA SER D 217 -19.91 -40.83 -20.36
C SER D 217 -19.69 -41.85 -21.46
N ARG D 218 -18.50 -41.85 -22.05
CA ARG D 218 -18.16 -42.77 -23.12
C ARG D 218 -16.95 -43.61 -22.73
N LEU D 219 -16.97 -44.88 -23.11
CA LEU D 219 -15.95 -45.84 -22.73
C LEU D 219 -15.20 -46.35 -23.95
N GLU D 220 -13.88 -46.43 -23.83
CA GLU D 220 -13.05 -47.06 -24.85
C GLU D 220 -11.81 -47.64 -24.16
N ALA D 221 -10.77 -47.93 -24.94
CA ALA D 221 -9.60 -48.60 -24.40
C ALA D 221 -8.84 -47.75 -23.40
N GLU D 222 -8.81 -46.43 -23.58
CA GLU D 222 -7.97 -45.57 -22.76
C GLU D 222 -8.66 -45.06 -21.51
N ASP D 223 -9.92 -45.43 -21.27
CA ASP D 223 -10.65 -44.98 -20.09
C ASP D 223 -10.72 -46.05 -19.00
N VAL D 224 -9.87 -47.07 -19.08
CA VAL D 224 -9.83 -48.15 -18.11
C VAL D 224 -8.61 -47.95 -17.22
N GLY D 225 -8.75 -48.28 -15.94
CA GLY D 225 -7.66 -48.12 -15.01
C GLY D 225 -8.12 -48.38 -13.60
N VAL D 226 -7.25 -48.06 -12.64
CA VAL D 226 -7.52 -48.23 -11.23
C VAL D 226 -7.80 -46.85 -10.63
N TYR D 227 -8.98 -46.69 -10.04
CA TYR D 227 -9.40 -45.43 -9.44
C TYR D 227 -9.23 -45.48 -7.92
N TYR D 228 -9.00 -44.30 -7.34
CA TYR D 228 -8.96 -44.12 -5.90
C TYR D 228 -9.72 -42.87 -5.52
N CYS D 229 -10.54 -42.97 -4.47
CA CYS D 229 -11.29 -41.84 -3.95
C CYS D 229 -10.61 -41.32 -2.69
N MET D 230 -10.27 -40.04 -2.68
CA MET D 230 -9.58 -39.43 -1.55
C MET D 230 -10.45 -38.38 -0.88
N GLN D 231 -10.29 -38.28 0.43
CA GLN D 231 -10.95 -37.25 1.23
C GLN D 231 -9.89 -36.29 1.76
N HIS D 232 -10.22 -35.02 1.84
CA HIS D 232 -9.21 -34.06 2.27
C HIS D 232 -9.67 -33.30 3.50
N LEU D 233 -9.55 -33.94 4.67
CA LEU D 233 -9.96 -33.29 5.92
C LEU D 233 -8.93 -33.09 7.02
N GLU D 234 -8.31 -34.18 7.46
CA GLU D 234 -7.25 -34.07 8.43
C GLU D 234 -6.09 -34.29 7.54
N TYR D 235 -5.17 -33.35 7.47
CA TYR D 235 -4.09 -33.48 6.49
C TYR D 235 -3.48 -34.88 6.35
N PRO D 236 -3.41 -35.64 7.45
CA PRO D 236 -3.09 -37.06 7.27
C PRO D 236 -4.45 -37.62 6.91
N LEU D 237 -4.72 -37.78 5.61
CA LEU D 237 -6.03 -38.27 5.17
C LEU D 237 -5.98 -39.70 4.64
N THR D 238 -7.09 -40.43 4.77
CA THR D 238 -7.17 -41.81 4.30
C THR D 238 -7.74 -41.84 2.89
N PHE D 239 -7.22 -42.73 2.05
CA PHE D 239 -7.68 -42.81 0.67
C PHE D 239 -8.35 -44.15 0.42
N GLY D 240 -9.15 -44.20 -0.64
CA GLY D 240 -9.97 -45.35 -0.94
C GLY D 240 -9.20 -46.51 -1.52
N ALA D 241 -9.94 -47.57 -1.83
CA ALA D 241 -9.36 -48.79 -2.37
C ALA D 241 -9.23 -48.70 -3.90
N GLY D 242 -8.60 -49.72 -4.48
CA GLY D 242 -8.41 -49.78 -5.92
C GLY D 242 -9.46 -50.65 -6.59
N THR D 243 -10.09 -50.11 -7.63
CA THR D 243 -11.11 -50.80 -8.39
C THR D 243 -10.62 -50.97 -9.82
N LYS D 244 -10.12 -52.16 -10.15
CA LYS D 244 -9.61 -52.44 -11.48
C LYS D 244 -10.77 -52.60 -12.46
N LEU D 245 -10.55 -52.15 -13.69
CA LEU D 245 -11.51 -52.32 -14.78
C LEU D 245 -10.87 -53.19 -15.86
N GLU D 246 -11.61 -54.21 -16.30
CA GLU D 246 -11.11 -55.18 -17.28
C GLU D 246 -11.85 -54.99 -18.60
N LEU D 247 -11.10 -54.96 -19.69
CA LEU D 247 -11.67 -54.78 -21.02
C LEU D 247 -12.48 -56.01 -21.44
N SER E 50 1.23 26.42 56.13
CA SER E 50 1.54 26.63 54.72
C SER E 50 1.41 25.33 53.93
N ASN E 51 1.13 24.23 54.66
CA ASN E 51 1.03 22.94 53.99
C ASN E 51 -0.24 22.84 53.14
N ALA E 52 -1.27 23.61 53.47
CA ALA E 52 -2.48 23.61 52.65
C ALA E 52 -2.20 24.14 51.26
N VAL E 53 -1.47 25.25 51.16
CA VAL E 53 -1.08 25.79 49.86
C VAL E 53 -0.21 24.78 49.12
N LEU E 54 0.62 24.05 49.85
CA LEU E 54 1.40 22.98 49.26
C LEU E 54 0.49 21.92 48.65
N THR E 55 -0.59 21.58 49.34
CA THR E 55 -1.54 20.60 48.81
C THR E 55 -2.23 21.11 47.55
N PHE E 56 -2.62 22.39 47.54
CA PHE E 56 -3.21 22.93 46.31
C PHE E 56 -2.23 22.93 45.16
N ILE E 57 -0.95 23.24 45.44
CA ILE E 57 0.07 23.17 44.40
C ILE E 57 0.20 21.75 43.88
N TYR E 58 0.24 20.78 44.79
CA TYR E 58 0.26 19.36 44.41
C TYR E 58 -0.89 19.05 43.47
N PHE E 59 -2.10 19.44 43.86
CA PHE E 59 -3.29 19.08 43.09
C PHE E 59 -3.29 19.74 41.72
N VAL E 60 -2.91 21.02 41.64
CA VAL E 60 -2.94 21.69 40.34
C VAL E 60 -1.86 21.13 39.42
N VAL E 61 -0.69 20.79 39.97
CA VAL E 61 0.35 20.15 39.16
C VAL E 61 -0.15 18.81 38.64
N CYS E 62 -0.81 18.03 39.50
CA CYS E 62 -1.34 16.74 39.08
C CYS E 62 -2.38 16.91 37.97
N ILE E 63 -3.26 17.89 38.11
CA ILE E 63 -4.31 18.10 37.11
C ILE E 63 -3.70 18.49 35.77
N ILE E 64 -2.75 19.43 35.79
CA ILE E 64 -2.13 19.90 34.54
C ILE E 64 -1.41 18.74 33.85
N GLY E 65 -0.61 17.99 34.60
CA GLY E 65 0.10 16.87 34.00
C GLY E 65 -0.85 15.81 33.48
N LEU E 66 -1.91 15.52 34.24
CA LEU E 66 -2.88 14.51 33.82
C LEU E 66 -3.55 14.92 32.51
N CYS E 67 -4.00 16.17 32.42
CA CYS E 67 -4.68 16.62 31.21
C CYS E 67 -3.74 16.62 30.01
N GLY E 68 -2.51 17.13 30.19
CA GLY E 68 -1.57 17.13 29.08
C GLY E 68 -1.24 15.73 28.59
N ASN E 69 -0.95 14.82 29.53
CA ASN E 69 -0.60 13.46 29.15
C ASN E 69 -1.77 12.73 28.53
N THR E 70 -2.99 12.95 29.02
CA THR E 70 -4.13 12.24 28.45
C THR E 70 -4.45 12.77 27.05
N LEU E 71 -4.29 14.08 26.82
CA LEU E 71 -4.46 14.60 25.46
C LEU E 71 -3.42 14.00 24.52
N VAL E 72 -2.16 13.96 24.95
CA VAL E 72 -1.11 13.41 24.09
C VAL E 72 -1.38 11.95 23.78
N ILE E 73 -1.69 11.15 24.82
CA ILE E 73 -1.90 9.73 24.62
C ILE E 73 -3.13 9.48 23.74
N TYR E 74 -4.19 10.27 23.91
CA TYR E 74 -5.38 10.10 23.09
C TYR E 74 -5.07 10.38 21.62
N VAL E 75 -4.41 11.50 21.34
CA VAL E 75 -4.12 11.86 19.95
C VAL E 75 -3.22 10.80 19.31
N ILE E 76 -2.17 10.39 20.02
CA ILE E 76 -1.23 9.43 19.45
C ILE E 76 -1.93 8.09 19.20
N LEU E 77 -2.59 7.57 20.22
CA LEU E 77 -3.26 6.29 20.09
C LEU E 77 -4.31 6.30 19.00
N ARG E 78 -5.00 7.44 18.84
CA ARG E 78 -6.08 7.51 17.87
C ARG E 78 -5.54 7.54 16.45
N TYR E 79 -4.75 8.55 16.10
CA TYR E 79 -4.30 8.67 14.72
C TYR E 79 -2.83 9.05 14.56
N ALA E 80 -1.93 8.44 15.34
CA ALA E 80 -0.51 8.49 14.99
C ALA E 80 -0.08 7.24 14.25
N LYS E 81 -0.83 6.14 14.43
CA LYS E 81 -0.68 4.87 13.70
C LYS E 81 0.77 4.41 13.60
N MET E 82 1.61 4.80 14.57
CA MET E 82 2.99 4.33 14.69
C MET E 82 3.70 4.48 13.35
N LYS E 83 3.65 5.68 12.77
CA LYS E 83 4.28 5.91 11.49
C LYS E 83 5.75 6.31 11.65
N THR E 84 6.03 7.22 12.58
CA THR E 84 7.37 7.74 12.78
C THR E 84 8.01 7.05 13.99
N ILE E 85 9.34 6.93 13.95
CA ILE E 85 10.06 6.25 15.03
C ILE E 85 9.94 7.02 16.34
N THR E 86 9.71 8.33 16.26
CA THR E 86 9.58 9.13 17.48
C THR E 86 8.23 8.95 18.15
N ASN E 87 7.23 8.46 17.43
CA ASN E 87 5.89 8.32 18.00
C ASN E 87 5.85 7.31 19.13
N ILE E 88 6.55 6.18 18.99
CA ILE E 88 6.56 5.18 20.04
C ILE E 88 7.29 5.71 21.27
N TYR E 89 8.38 6.46 21.08
CA TYR E 89 9.08 7.04 22.21
C TYR E 89 8.21 8.06 22.94
N ILE E 90 7.49 8.90 22.20
CA ILE E 90 6.58 9.85 22.83
C ILE E 90 5.46 9.11 23.56
N LEU E 91 4.99 8.00 22.98
CA LEU E 91 3.99 7.16 23.64
C LEU E 91 4.49 6.69 25.00
N ASN E 92 5.69 6.12 25.07
CA ASN E 92 6.12 5.65 26.37
C ASN E 92 6.43 6.81 27.30
N LEU E 93 6.92 7.91 26.82
CA LEU E 93 7.11 9.04 27.74
C LEU E 93 5.78 9.49 28.35
N ALA E 94 4.74 9.60 27.53
CA ALA E 94 3.44 10.03 28.02
C ALA E 94 2.85 9.02 29.00
N ILE E 95 3.02 7.73 28.71
CA ILE E 95 2.54 6.70 29.63
C ILE E 95 3.31 6.76 30.94
N ALA E 96 4.64 6.89 30.87
CA ALA E 96 5.47 6.91 32.06
C ALA E 96 5.17 8.09 32.97
N ASP E 97 5.03 9.29 32.41
CA ASP E 97 4.69 10.44 33.25
C ASP E 97 3.31 10.29 33.88
N GLU E 98 2.35 9.79 33.10
CA GLU E 98 0.99 9.64 33.62
C GLU E 98 0.95 8.65 34.77
N LEU E 99 1.67 7.54 34.65
CA LEU E 99 1.71 6.58 35.77
C LEU E 99 2.57 7.11 36.91
N PHE E 100 3.55 7.96 36.61
CA PHE E 100 4.38 8.56 37.64
C PHE E 100 3.56 9.46 38.56
N MET E 101 2.66 10.25 37.98
CA MET E 101 1.95 11.25 38.75
C MET E 101 0.67 10.71 39.40
N LEU E 102 0.59 9.41 39.67
CA LEU E 102 -0.56 8.83 40.35
C LEU E 102 -0.35 8.72 41.86
N GLY E 103 0.88 8.76 42.35
CA GLY E 103 1.16 8.76 43.76
C GLY E 103 1.17 10.13 44.41
N LEU E 104 0.85 11.17 43.66
CA LEU E 104 0.87 12.53 44.21
C LEU E 104 -0.11 12.76 45.36
N PRO E 105 -1.39 12.39 45.26
CA PRO E 105 -2.32 12.71 46.37
C PRO E 105 -1.92 12.06 47.69
N PHE E 106 -1.31 10.88 47.64
CA PHE E 106 -0.94 10.19 48.88
C PHE E 106 0.21 10.93 49.57
N LEU E 107 1.21 11.37 48.80
CA LEU E 107 2.27 12.17 49.40
C LEU E 107 1.77 13.52 49.88
N ALA E 108 0.76 14.08 49.20
CA ALA E 108 0.14 15.31 49.71
C ALA E 108 -0.55 15.06 51.05
N MET E 109 -1.28 13.96 51.15
CA MET E 109 -1.97 13.63 52.40
C MET E 109 -0.98 13.20 53.48
N GLN E 110 0.26 12.91 53.08
CA GLN E 110 1.30 12.70 54.09
C GLN E 110 1.93 14.02 54.56
N VAL E 111 2.24 14.92 53.64
CA VAL E 111 2.89 16.17 54.04
C VAL E 111 1.94 17.06 54.81
N ALA E 112 0.66 17.08 54.45
CA ALA E 112 -0.37 17.76 55.22
C ALA E 112 -1.37 16.72 55.69
N LEU E 113 -2.02 16.97 56.83
CA LEU E 113 -2.80 15.94 57.50
C LEU E 113 -1.83 14.79 57.79
N VAL E 114 -0.89 15.05 58.71
CA VAL E 114 0.38 14.33 58.74
C VAL E 114 0.17 12.82 58.84
N HIS E 115 -0.77 12.38 59.67
CA HIS E 115 -0.94 10.94 59.87
C HIS E 115 -1.35 10.25 58.57
N TRP E 116 -0.98 8.98 58.46
CA TRP E 116 -1.10 8.18 57.24
C TRP E 116 -2.23 7.17 57.39
N PRO E 117 -3.45 7.48 56.94
CA PRO E 117 -4.55 6.52 57.08
C PRO E 117 -4.58 5.45 56.01
N PHE E 118 -3.78 5.58 54.95
CA PHE E 118 -3.90 4.68 53.81
C PHE E 118 -3.48 3.25 54.18
N GLY E 119 -2.42 3.10 54.95
CA GLY E 119 -2.02 1.80 55.46
C GLY E 119 -0.65 1.37 54.97
N LYS E 120 -0.14 0.34 55.64
CA LYS E 120 1.20 -0.19 55.38
C LYS E 120 1.36 -0.72 53.97
N ALA E 121 0.44 -1.58 53.50
CA ALA E 121 0.55 -2.12 52.16
C ALA E 121 0.44 -1.04 51.10
N ILE E 122 -0.49 -0.10 51.28
CA ILE E 122 -0.66 0.99 50.33
C ILE E 122 0.62 1.82 50.26
N CYS E 123 1.21 2.14 51.41
CA CYS E 123 2.45 2.90 51.45
C CYS E 123 3.54 2.25 50.60
N ARG E 124 3.79 0.97 50.84
CA ARG E 124 4.86 0.28 50.10
C ARG E 124 4.54 0.19 48.61
N VAL E 125 3.28 -0.12 48.26
CA VAL E 125 2.92 -0.27 46.86
C VAL E 125 3.10 1.04 46.11
N VAL E 126 2.62 2.14 46.68
CA VAL E 126 2.72 3.42 45.98
C VAL E 126 4.16 3.91 45.94
N MET E 127 4.96 3.67 46.98
CA MET E 127 6.40 4.07 46.93
C MET E 127 7.20 3.20 46.00
N THR E 128 6.77 2.00 45.73
CA THR E 128 7.41 1.22 44.67
C THR E 128 7.00 1.70 43.29
N VAL E 129 5.71 1.97 43.08
CA VAL E 129 5.24 2.43 41.77
C VAL E 129 5.88 3.76 41.40
N ASP E 130 5.88 4.71 42.33
CA ASP E 130 6.47 6.03 42.11
C ASP E 130 7.98 5.96 41.94
N GLY E 131 8.66 5.01 42.58
CA GLY E 131 10.09 4.90 42.44
C GLY E 131 10.48 4.26 41.12
N ILE E 132 9.65 3.35 40.62
CA ILE E 132 9.89 2.77 39.30
C ILE E 132 9.62 3.80 38.20
N ASN E 133 8.50 4.53 38.31
CA ASN E 133 8.13 5.46 37.26
C ASN E 133 9.05 6.67 37.21
N GLN E 134 9.68 7.02 38.34
CA GLN E 134 10.65 8.11 38.32
C GLN E 134 11.85 7.77 37.44
N PHE E 135 12.38 6.56 37.57
CA PHE E 135 13.52 6.14 36.76
C PHE E 135 13.12 5.69 35.37
N THR E 136 11.84 5.42 35.13
CA THR E 136 11.41 5.00 33.79
C THR E 136 11.42 6.15 32.79
N SER E 137 11.08 7.37 33.24
CA SER E 137 10.90 8.48 32.30
C SER E 137 12.24 9.00 31.78
N ILE E 138 13.25 9.10 32.66
CA ILE E 138 14.50 9.75 32.28
C ILE E 138 15.22 8.97 31.19
N PHE E 139 15.29 7.65 31.33
CA PHE E 139 15.97 6.84 30.32
C PHE E 139 15.29 6.96 28.96
N CYS E 140 13.99 7.21 28.93
CA CYS E 140 13.32 7.47 27.66
C CYS E 140 13.85 8.75 27.03
N LEU E 141 14.08 9.78 27.84
CA LEU E 141 14.69 11.01 27.31
C LEU E 141 16.07 10.74 26.76
N THR E 142 16.87 9.95 27.47
CA THR E 142 18.21 9.62 26.99
C THR E 142 18.14 8.86 25.66
N VAL E 143 17.22 7.91 25.55
CA VAL E 143 17.08 7.13 24.31
C VAL E 143 16.64 8.04 23.16
N MET E 144 15.71 8.96 23.42
CA MET E 144 15.30 9.89 22.38
C MET E 144 16.45 10.76 21.92
N SER E 145 17.28 11.23 22.86
CA SER E 145 18.43 12.06 22.48
C SER E 145 19.43 11.26 21.64
N ILE E 146 19.69 10.01 22.01
CA ILE E 146 20.59 9.18 21.22
C ILE E 146 20.02 8.95 19.83
N ASP E 147 18.71 8.71 19.74
CA ASP E 147 18.08 8.52 18.44
C ASP E 147 18.20 9.77 17.58
N ARG E 148 17.98 10.94 18.17
CA ARG E 148 18.10 12.19 17.41
C ARG E 148 19.52 12.39 16.90
N TYR E 149 20.52 12.11 17.75
CA TYR E 149 21.90 12.23 17.31
C TYR E 149 22.20 11.27 16.17
N LEU E 150 21.71 10.03 16.27
CA LEU E 150 21.93 9.06 15.20
C LEU E 150 21.26 9.50 13.91
N ALA E 151 20.08 10.13 14.01
CA ALA E 151 19.32 10.50 12.83
C ALA E 151 19.94 11.69 12.11
N VAL E 152 20.38 12.70 12.86
CA VAL E 152 20.79 13.94 12.22
C VAL E 152 22.25 13.88 11.77
N VAL E 153 23.17 13.51 12.68
CA VAL E 153 24.58 13.53 12.35
C VAL E 153 24.94 12.46 11.31
N HIS E 154 24.33 11.28 11.39
CA HIS E 154 24.59 10.19 10.46
C HIS E 154 23.34 9.91 9.62
N PRO E 155 23.18 10.62 8.51
CA PRO E 155 21.97 10.44 7.69
C PRO E 155 22.06 9.31 6.70
N ILE E 156 23.27 8.94 6.25
CA ILE E 156 23.42 7.86 5.29
C ILE E 156 23.64 6.51 5.98
N LYS E 157 24.52 6.44 6.97
CA LYS E 157 24.73 5.24 7.75
C LYS E 157 23.97 5.35 9.06
N SER E 158 23.60 4.19 9.62
CA SER E 158 22.81 4.12 10.86
C SER E 158 21.47 4.82 10.70
N ALA E 159 21.00 4.90 9.45
CA ALA E 159 19.64 5.34 9.15
C ALA E 159 18.78 4.18 8.67
N LYS E 160 19.36 2.99 8.51
CA LYS E 160 18.63 1.76 8.21
C LYS E 160 18.38 0.93 9.46
N TRP E 161 18.52 1.55 10.63
CA TRP E 161 18.28 0.85 11.88
C TRP E 161 17.30 1.63 12.73
N ARG E 162 16.55 2.52 12.11
CA ARG E 162 15.61 3.35 12.85
C ARG E 162 14.17 2.98 12.51
N ARG E 163 13.97 1.77 12.03
CA ARG E 163 12.62 1.30 11.69
C ARG E 163 11.76 1.17 12.94
N PRO E 164 10.43 1.26 12.78
CA PRO E 164 9.55 1.20 13.95
C PRO E 164 9.45 -0.21 14.52
N ARG E 165 10.58 -0.75 14.99
CA ARG E 165 10.58 -2.07 15.58
C ARG E 165 11.58 -2.09 16.71
N THR E 166 12.84 -1.80 16.40
CA THR E 166 13.86 -1.72 17.44
C THR E 166 13.34 -0.97 18.66
N ALA E 167 12.63 0.12 18.44
CA ALA E 167 12.13 0.93 19.54
C ALA E 167 11.34 0.07 20.51
N LYS E 168 10.53 -0.85 19.99
CA LYS E 168 9.78 -1.75 20.86
C LYS E 168 10.76 -2.52 21.72
N MET E 169 11.61 -3.32 21.09
CA MET E 169 12.64 -4.03 21.83
C MET E 169 13.35 -3.09 22.80
N ILE E 170 13.65 -1.87 22.34
CA ILE E 170 14.32 -0.89 23.19
C ILE E 170 13.43 -0.52 24.38
N THR E 171 12.14 -0.32 24.12
CA THR E 171 11.21 0.02 25.20
C THR E 171 11.10 -1.10 26.21
N MET E 172 10.98 -2.34 25.74
CA MET E 172 10.89 -3.48 26.65
C MET E 172 12.18 -3.59 27.48
N ALA E 173 13.34 -3.44 26.83
CA ALA E 173 14.61 -3.52 27.54
C ALA E 173 14.79 -2.41 28.55
N VAL E 174 14.36 -1.18 28.25
CA VAL E 174 14.52 -0.09 29.20
C VAL E 174 13.55 -0.22 30.37
N TRP E 175 12.33 -0.72 30.13
CA TRP E 175 11.45 -1.03 31.26
C TRP E 175 12.07 -2.12 32.13
N GLY E 176 12.64 -3.15 31.51
CA GLY E 176 13.30 -4.19 32.28
C GLY E 176 14.50 -3.66 33.06
N VAL E 177 15.28 -2.78 32.44
CA VAL E 177 16.43 -2.19 33.12
C VAL E 177 15.99 -1.35 34.31
N SER E 178 14.93 -0.56 34.13
CA SER E 178 14.40 0.23 35.25
C SER E 178 13.93 -0.67 36.39
N LEU E 179 13.22 -1.74 36.06
CA LEU E 179 12.70 -2.62 37.08
C LEU E 179 13.77 -3.01 38.09
N LEU E 180 14.91 -3.47 37.59
CA LEU E 180 15.99 -3.92 38.48
C LEU E 180 16.50 -2.81 39.39
N VAL E 181 16.61 -1.61 38.87
CA VAL E 181 17.18 -0.51 39.66
C VAL E 181 16.42 -0.27 40.95
N ILE E 182 15.09 -0.29 40.88
CA ILE E 182 14.28 0.03 42.06
C ILE E 182 14.21 -1.12 43.05
N LEU E 183 14.98 -2.18 42.81
CA LEU E 183 14.92 -3.34 43.69
C LEU E 183 15.15 -2.94 45.15
N PRO E 184 16.25 -2.25 45.44
CA PRO E 184 16.54 -1.93 46.85
C PRO E 184 15.40 -1.13 47.46
N ILE E 185 14.87 -0.15 46.72
CA ILE E 185 13.79 0.67 47.22
C ILE E 185 12.60 -0.18 47.61
N MET E 186 12.27 -1.17 46.78
CA MET E 186 11.11 -2.00 47.06
C MET E 186 11.45 -3.23 47.90
N ILE E 187 12.66 -3.26 48.45
CA ILE E 187 13.04 -4.34 49.35
C ILE E 187 13.66 -3.77 50.62
N TYR E 188 13.77 -2.44 50.71
CA TYR E 188 14.34 -1.81 51.89
C TYR E 188 13.40 -0.83 52.59
N ALA E 189 12.22 -0.60 52.01
CA ALA E 189 11.30 0.40 52.57
C ALA E 189 10.25 -0.20 53.48
N GLY E 190 9.72 0.60 54.41
CA GLY E 190 8.68 0.12 55.30
C GLY E 190 8.05 1.25 56.10
N LEU E 191 7.87 1.02 57.40
CA LEU E 191 7.34 2.04 58.30
C LEU E 191 8.38 2.41 59.34
N ARG E 192 8.57 3.71 59.55
CA ARG E 192 9.55 4.23 60.49
C ARG E 192 8.85 5.06 61.55
N SER E 193 9.27 4.86 62.81
CA SER E 193 8.69 5.60 63.91
C SER E 193 9.00 7.09 63.77
N ASN E 194 8.03 7.92 64.16
CA ASN E 194 8.13 9.37 64.02
C ASN E 194 8.34 10.00 65.39
N GLN E 195 9.30 10.91 65.47
CA GLN E 195 9.53 11.69 66.69
C GLN E 195 8.44 12.72 66.94
N TRP E 196 7.58 12.98 65.95
CA TRP E 196 6.47 13.91 66.12
C TRP E 196 5.30 13.30 66.88
N GLY E 197 5.30 11.99 67.09
CA GLY E 197 4.21 11.33 67.77
C GLY E 197 3.02 11.09 66.85
N ARG E 198 3.30 10.80 65.58
CA ARG E 198 2.24 10.57 64.60
C ARG E 198 2.75 9.53 63.61
N SER E 199 1.99 9.31 62.54
CA SER E 199 2.32 8.32 61.52
C SER E 199 2.64 9.00 60.19
N SER E 200 3.38 8.28 59.36
CA SER E 200 3.76 8.77 58.03
C SER E 200 4.06 7.56 57.14
N CYS E 201 4.71 7.82 56.01
CA CYS E 201 5.00 6.79 55.02
C CYS E 201 6.35 7.12 54.39
N THR E 202 7.41 6.51 54.90
CA THR E 202 8.77 6.84 54.50
C THR E 202 9.57 5.54 54.35
N ILE E 203 10.90 5.68 54.28
CA ILE E 203 11.80 4.55 54.09
C ILE E 203 12.48 4.22 55.40
N ASN E 204 12.59 2.92 55.69
CA ASN E 204 13.27 2.46 56.88
C ASN E 204 14.78 2.52 56.67
N TRP E 205 15.52 2.33 57.76
CA TRP E 205 16.98 2.38 57.73
C TRP E 205 17.55 0.98 57.79
N PRO E 206 18.06 0.44 56.69
CA PRO E 206 18.69 -0.89 56.74
C PRO E 206 20.12 -0.85 57.27
N GLY E 207 20.75 -2.01 57.37
CA GLY E 207 22.13 -2.08 57.79
C GLY E 207 23.07 -2.57 56.70
N GLU E 208 22.62 -2.45 55.44
CA GLU E 208 23.40 -2.94 54.31
C GLU E 208 24.73 -2.22 54.16
N SER E 209 24.76 -0.89 54.32
CA SER E 209 26.00 -0.14 54.16
C SER E 209 26.21 0.80 55.33
N GLY E 210 26.01 0.31 56.56
CA GLY E 210 26.14 1.14 57.74
C GLY E 210 25.11 2.24 57.76
N ALA E 211 25.55 3.48 57.57
CA ALA E 211 24.62 4.59 57.44
C ALA E 211 23.73 4.42 56.22
N TRP E 212 24.36 4.15 55.06
CA TRP E 212 23.70 3.72 53.83
C TRP E 212 22.92 4.85 53.16
N TYR E 213 22.70 5.95 53.88
CA TYR E 213 22.01 7.08 53.28
C TYR E 213 22.97 8.02 52.57
N THR E 214 24.27 7.80 52.73
CA THR E 214 25.28 8.42 51.88
C THR E 214 25.56 7.57 50.65
N GLY E 215 25.75 6.26 50.85
CA GLY E 215 26.01 5.39 49.71
C GLY E 215 24.85 5.34 48.74
N PHE E 216 23.64 5.21 49.25
CA PHE E 216 22.46 5.18 48.38
C PHE E 216 22.32 6.46 47.58
N ILE E 217 22.50 7.60 48.23
CA ILE E 217 22.32 8.87 47.54
C ILE E 217 23.43 9.10 46.52
N ILE E 218 24.66 8.70 46.84
CA ILE E 218 25.75 8.86 45.87
C ILE E 218 25.50 7.98 44.65
N TYR E 219 25.09 6.73 44.86
CA TYR E 219 24.83 5.85 43.73
C TYR E 219 23.70 6.39 42.86
N THR E 220 22.58 6.78 43.48
CA THR E 220 21.44 7.28 42.73
C THR E 220 21.79 8.56 41.99
N PHE E 221 22.54 9.46 42.62
CA PHE E 221 22.96 10.69 41.94
C PHE E 221 23.84 10.36 40.74
N ILE E 222 24.96 9.67 40.99
CA ILE E 222 25.95 9.39 39.96
C ILE E 222 25.35 8.65 38.79
N LEU E 223 24.30 7.86 39.00
CA LEU E 223 23.63 7.28 37.83
C LEU E 223 22.65 8.28 37.22
N GLY E 224 21.58 8.60 37.96
CA GLY E 224 20.41 9.22 37.37
C GLY E 224 20.64 10.64 36.90
N PHE E 225 21.44 11.42 37.63
CA PHE E 225 21.68 12.78 37.19
C PHE E 225 22.90 12.91 36.31
N LEU E 226 23.93 12.08 36.52
CA LEU E 226 25.17 12.24 35.76
C LEU E 226 25.04 11.69 34.35
N VAL E 227 24.64 10.42 34.20
CA VAL E 227 24.69 9.78 32.89
C VAL E 227 23.80 10.47 31.86
N PRO E 228 22.50 10.70 32.12
CA PRO E 228 21.67 11.33 31.08
C PRO E 228 22.13 12.72 30.69
N LEU E 229 22.61 13.53 31.65
CA LEU E 229 23.01 14.89 31.33
C LEU E 229 24.21 14.90 30.38
N THR E 230 25.23 14.11 30.69
CA THR E 230 26.38 14.04 29.80
C THR E 230 26.00 13.48 28.45
N ILE E 231 25.15 12.44 28.42
CA ILE E 231 24.75 11.85 27.15
C ILE E 231 24.04 12.89 26.28
N ILE E 232 23.06 13.59 26.85
CA ILE E 232 22.28 14.53 26.06
C ILE E 232 23.14 15.72 25.64
N CYS E 233 24.03 16.19 26.50
CA CYS E 233 24.88 17.32 26.16
C CYS E 233 25.82 16.96 25.00
N LEU E 234 26.47 15.80 25.09
CA LEU E 234 27.37 15.39 24.01
C LEU E 234 26.62 15.19 22.71
N CYS E 235 25.46 14.54 22.76
CA CYS E 235 24.70 14.29 21.54
C CYS E 235 24.27 15.60 20.88
N TYR E 236 23.79 16.55 21.68
CA TYR E 236 23.31 17.81 21.10
C TYR E 236 24.46 18.66 20.60
N LEU E 237 25.61 18.63 21.29
CA LEU E 237 26.78 19.34 20.81
C LEU E 237 27.24 18.78 19.47
N PHE E 238 27.27 17.45 19.34
CA PHE E 238 27.66 16.85 18.08
C PHE E 238 26.65 17.15 16.97
N ILE E 239 25.36 17.22 17.31
CA ILE E 239 24.37 17.60 16.32
C ILE E 239 24.64 19.02 15.82
N ILE E 240 24.92 19.95 16.74
CA ILE E 240 25.22 21.32 16.33
C ILE E 240 26.47 21.37 15.46
N ILE E 241 27.51 20.63 15.84
CA ILE E 241 28.75 20.64 15.08
C ILE E 241 28.54 20.09 13.68
N LYS E 242 27.80 19.00 13.56
CA LYS E 242 27.55 18.42 12.24
C LYS E 242 26.66 19.31 11.38
N VAL E 243 25.68 20.01 11.97
CA VAL E 243 24.92 20.98 11.20
C VAL E 243 25.82 22.09 10.71
N LYS E 244 26.76 22.55 11.55
CA LYS E 244 27.69 23.59 11.14
C LYS E 244 28.60 23.13 10.01
N SER E 245 29.10 21.88 10.08
CA SER E 245 30.08 21.40 9.13
C SER E 245 29.53 21.31 7.71
N SER E 246 28.33 20.75 7.55
CA SER E 246 27.79 20.57 6.20
C SER E 246 27.22 21.86 5.64
N GLY E 247 27.06 22.88 6.49
CA GLY E 247 26.53 24.16 6.00
C GLY E 247 27.46 24.86 5.03
N ILE E 248 28.76 24.71 5.23
CA ILE E 248 29.70 25.42 4.39
C ILE E 248 30.30 24.58 3.26
N ARG E 249 29.69 23.44 2.95
CA ARG E 249 30.21 22.68 1.80
C ARG E 249 29.57 23.26 0.61
N VAL E 250 28.27 23.18 0.51
CA VAL E 250 27.55 23.66 -0.67
C VAL E 250 26.97 25.05 -0.53
N GLY E 251 27.78 25.98 -0.11
CA GLY E 251 27.34 27.35 0.03
C GLY E 251 25.93 27.37 0.43
N SER E 252 25.67 26.84 1.59
CA SER E 252 24.34 26.89 2.07
C SER E 252 23.97 28.34 2.01
N SER E 253 22.84 28.65 1.40
CA SER E 253 22.44 30.04 1.23
C SER E 253 21.39 30.45 2.23
N LYS E 254 21.19 29.63 3.26
CA LYS E 254 20.20 29.96 4.28
C LYS E 254 20.52 29.27 5.60
N ARG E 255 21.11 28.08 5.53
CA ARG E 255 21.42 27.33 6.74
C ARG E 255 22.18 28.21 7.71
N LYS E 256 23.06 29.06 7.18
CA LYS E 256 23.82 29.96 8.03
C LYS E 256 22.92 30.60 9.06
N LYS E 257 21.83 31.22 8.61
CA LYS E 257 20.89 31.84 9.53
C LYS E 257 20.10 30.79 10.32
N SER E 258 19.87 29.62 9.73
CA SER E 258 18.96 28.64 10.34
C SER E 258 19.60 27.94 11.53
N GLU E 259 20.94 28.00 11.63
CA GLU E 259 21.61 27.28 12.71
C GLU E 259 21.58 28.06 14.02
N LYS E 260 20.38 28.51 14.40
CA LYS E 260 20.15 29.12 15.70
C LYS E 260 18.97 28.52 16.47
N LYS E 261 17.93 28.06 15.77
CA LYS E 261 16.83 27.39 16.45
C LYS E 261 17.30 26.10 17.12
N VAL E 262 18.21 25.38 16.48
CA VAL E 262 18.76 24.17 17.08
C VAL E 262 19.50 24.51 18.37
N THR E 263 20.33 25.56 18.35
CA THR E 263 21.05 25.97 19.55
C THR E 263 20.08 26.40 20.65
N ARG E 264 19.03 27.13 20.29
CA ARG E 264 18.04 27.54 21.28
C ARG E 264 17.35 26.34 21.90
N MET E 265 16.98 25.34 21.08
CA MET E 265 16.34 24.15 21.60
C MET E 265 17.27 23.39 22.53
N VAL E 266 18.54 23.25 22.15
CA VAL E 266 19.52 22.57 23.00
C VAL E 266 19.62 23.29 24.34
N SER E 267 19.75 24.62 24.30
CA SER E 267 19.89 25.39 25.53
C SER E 267 18.67 25.23 26.42
N ILE E 268 17.48 25.30 25.84
CA ILE E 268 16.26 25.19 26.62
C ILE E 268 16.15 23.82 27.27
N VAL E 269 16.42 22.77 26.49
CA VAL E 269 16.33 21.42 27.01
C VAL E 269 17.27 21.21 28.18
N VAL E 270 18.56 21.52 27.98
CA VAL E 270 19.53 21.30 29.04
C VAL E 270 19.22 22.17 30.26
N ALA E 271 18.81 23.42 30.03
CA ALA E 271 18.52 24.32 31.14
C ALA E 271 17.35 23.82 31.97
N VAL E 272 16.28 23.33 31.33
CA VAL E 272 15.12 22.89 32.09
C VAL E 272 15.44 21.60 32.84
N PHE E 273 16.18 20.69 32.20
CA PHE E 273 16.53 19.44 32.86
C PHE E 273 17.41 19.70 34.08
N ILE E 274 18.36 20.64 33.97
CA ILE E 274 19.16 21.04 35.12
C ILE E 274 18.34 21.72 36.20
N PHE E 275 17.45 22.65 35.83
CA PHE E 275 16.69 23.41 36.82
C PHE E 275 15.78 22.49 37.63
N CYS E 276 15.19 21.49 36.97
CA CYS E 276 14.19 20.67 37.65
C CYS E 276 14.81 19.60 38.53
N TRP E 277 16.13 19.40 38.44
CA TRP E 277 16.72 18.27 39.15
C TRP E 277 17.83 18.69 40.13
N LEU E 278 18.52 19.80 39.87
CA LEU E 278 19.55 20.21 40.82
C LEU E 278 19.06 20.49 42.24
N PRO E 279 18.00 21.28 42.47
CA PRO E 279 17.66 21.62 43.86
C PRO E 279 17.39 20.40 44.74
N PHE E 280 16.67 19.41 44.21
CA PHE E 280 16.32 18.25 45.03
C PHE E 280 17.56 17.48 45.46
N TYR E 281 18.42 17.14 44.49
CA TYR E 281 19.60 16.37 44.81
C TYR E 281 20.56 17.16 45.70
N ILE E 282 20.71 18.46 45.45
CA ILE E 282 21.65 19.24 46.26
C ILE E 282 21.14 19.38 47.69
N PHE E 283 19.83 19.61 47.88
CA PHE E 283 19.30 19.70 49.24
C PHE E 283 19.41 18.37 49.95
N ASN E 284 19.14 17.26 49.24
CA ASN E 284 19.21 15.95 49.86
C ASN E 284 20.65 15.62 50.27
N VAL E 285 21.62 15.92 49.41
CA VAL E 285 23.01 15.61 49.76
C VAL E 285 23.51 16.53 50.85
N SER E 286 23.01 17.77 50.90
CA SER E 286 23.36 18.67 51.99
C SER E 286 22.84 18.13 53.32
N SER E 287 21.59 17.63 53.32
CA SER E 287 21.05 17.03 54.53
C SER E 287 21.83 15.78 54.93
N VAL E 288 22.24 14.98 53.95
CA VAL E 288 23.01 13.77 54.23
C VAL E 288 24.36 14.11 54.85
N SER E 289 25.05 15.11 54.29
CA SER E 289 26.42 15.39 54.71
C SER E 289 26.48 15.87 56.15
N MET E 290 25.61 16.80 56.54
CA MET E 290 25.62 17.38 57.87
C MET E 290 24.23 17.34 58.48
N ALA E 291 24.16 17.04 59.78
CA ALA E 291 22.89 17.04 60.49
C ALA E 291 22.52 18.45 60.90
N ILE E 292 21.23 18.75 60.82
CA ILE E 292 20.70 20.07 61.16
C ILE E 292 19.53 19.89 62.11
N SER E 293 19.28 20.88 62.96
CA SER E 293 18.18 20.81 63.90
C SER E 293 16.85 20.83 63.15
N PRO E 294 15.88 20.01 63.56
CA PRO E 294 14.58 19.98 62.88
C PRO E 294 13.79 21.27 63.16
N THR E 295 13.56 22.04 62.10
CA THR E 295 12.79 23.26 62.16
C THR E 295 11.81 23.30 60.99
N PRO E 296 10.66 23.95 61.16
CA PRO E 296 9.65 23.93 60.09
C PRO E 296 10.11 24.60 58.80
N ALA E 297 11.01 25.57 58.88
CA ALA E 297 11.39 26.34 57.70
C ALA E 297 12.08 25.48 56.65
N LEU E 298 13.04 24.66 57.07
CA LEU E 298 13.75 23.81 56.12
C LEU E 298 12.84 22.76 55.50
N LYS E 299 11.94 22.17 56.30
CA LYS E 299 11.01 21.20 55.74
C LYS E 299 9.98 21.86 54.84
N GLY E 300 9.63 23.13 55.13
CA GLY E 300 8.65 23.82 54.29
C GLY E 300 9.14 24.01 52.86
N MET E 301 10.41 24.40 52.70
CA MET E 301 10.95 24.58 51.36
C MET E 301 11.21 23.24 50.69
N PHE E 302 11.51 22.21 51.49
CA PHE E 302 11.74 20.87 50.95
C PHE E 302 10.53 20.33 50.21
N ASP E 303 9.33 20.67 50.66
CA ASP E 303 8.12 20.23 49.96
C ASP E 303 8.03 20.85 48.58
N PHE E 304 8.31 22.14 48.45
CA PHE E 304 8.34 22.77 47.13
C PHE E 304 9.46 22.18 46.27
N VAL E 305 10.58 21.84 46.91
CA VAL E 305 11.70 21.24 46.19
C VAL E 305 11.30 19.89 45.60
N VAL E 306 10.56 19.08 46.35
CA VAL E 306 10.15 17.77 45.84
C VAL E 306 8.92 17.94 44.94
N VAL E 307 8.27 19.11 45.01
CA VAL E 307 7.20 19.43 44.07
C VAL E 307 7.72 19.73 42.67
N LEU E 308 8.78 20.51 42.52
CA LEU E 308 9.25 20.86 41.18
C LEU E 308 9.72 19.63 40.41
N THR E 309 10.21 18.62 41.13
CA THR E 309 10.62 17.38 40.49
C THR E 309 9.45 16.69 39.81
N TYR E 310 8.27 16.74 40.43
CA TYR E 310 7.07 16.23 39.78
C TYR E 310 6.58 17.20 38.72
N ALA E 311 6.74 18.49 38.96
CA ALA E 311 6.24 19.54 38.08
C ALA E 311 6.91 19.51 36.71
N ASN E 312 8.07 18.84 36.63
CA ASN E 312 8.84 18.72 35.35
C ASN E 312 8.37 17.54 34.56
N SER E 313 7.27 16.98 34.98
CA SER E 313 6.64 15.93 34.18
C SER E 313 5.49 16.47 33.34
N CYS E 314 4.85 17.56 33.78
CA CYS E 314 3.80 18.16 32.95
C CYS E 314 4.41 18.97 31.81
N ALA E 315 5.52 19.65 32.07
CA ALA E 315 6.14 20.46 31.04
C ALA E 315 6.89 19.61 30.02
N ASN E 316 7.23 18.38 30.39
CA ASN E 316 7.98 17.51 29.47
C ASN E 316 7.21 17.24 28.18
N PRO E 317 5.92 16.86 28.20
CA PRO E 317 5.19 16.75 26.92
C PRO E 317 5.17 18.04 26.12
N ILE E 318 5.06 19.19 26.79
CA ILE E 318 4.98 20.46 26.08
C ILE E 318 6.24 20.70 25.27
N LEU E 319 7.39 20.41 25.85
CA LEU E 319 8.65 20.67 25.17
C LEU E 319 9.08 19.55 24.23
N TYR E 320 8.63 18.33 24.48
CA TYR E 320 9.11 17.21 23.67
C TYR E 320 8.14 16.83 22.56
N ALA E 321 6.83 16.94 22.77
CA ALA E 321 5.85 16.41 21.84
C ALA E 321 5.33 17.44 20.85
N PHE E 322 4.79 18.56 21.33
CA PHE E 322 4.16 19.53 20.43
C PHE E 322 5.21 20.25 19.58
N LEU E 323 6.44 20.36 20.06
CA LEU E 323 7.52 20.96 19.28
C LEU E 323 8.04 19.93 18.30
N SER E 324 7.17 19.54 17.36
CA SER E 324 7.48 18.51 16.38
C SER E 324 6.51 18.60 15.21
N ASP E 325 6.49 17.56 14.37
CA ASP E 325 5.55 17.49 13.25
C ASP E 325 4.12 17.27 13.71
N ASN E 326 3.89 16.97 14.99
CA ASN E 326 2.54 16.77 15.52
C ASN E 326 1.75 18.07 15.62
N PHE E 327 2.34 19.22 15.27
CA PHE E 327 1.59 20.46 15.25
C PHE E 327 0.42 20.38 14.28
N LYS E 328 0.65 19.77 13.11
CA LYS E 328 -0.46 19.52 12.18
C LYS E 328 -1.43 18.51 12.76
N LYS E 329 -0.92 17.53 13.51
CA LYS E 329 -1.76 16.48 14.06
C LYS E 329 -2.77 17.06 15.04
N SER E 330 -2.34 17.97 15.91
CA SER E 330 -3.21 18.60 16.88
C SER E 330 -3.78 19.92 16.35
N CYS F 2 16.25 14.65 56.85
CA CYS F 2 15.50 14.15 55.71
C CYS F 2 16.36 13.20 54.99
N PHE F 3 15.79 12.15 54.43
CA PHE F 3 16.55 11.26 53.63
C PHE F 3 15.55 10.69 52.82
N LYS F 5 12.27 11.17 49.94
CA LYS F 5 11.20 12.05 49.45
C LYS F 5 10.47 12.74 50.60
N THR F 6 10.14 12.00 51.65
CA THR F 6 9.46 12.57 52.80
C THR F 6 10.43 12.64 53.96
N CYS F 7 10.57 13.82 54.55
CA CYS F 7 11.55 14.04 55.60
C CYS F 7 11.11 13.37 56.91
#